data_9KVH
#
_entry.id   9KVH
#
_cell.length_a   1.00
_cell.length_b   1.00
_cell.length_c   1.00
_cell.angle_alpha   90.00
_cell.angle_beta   90.00
_cell.angle_gamma   90.00
#
_symmetry.space_group_name_H-M   'P 1'
#
loop_
_entity.id
_entity.type
_entity.pdbx_description
1 polymer 'Guanine nucleotide-binding protein G(i) subunit alpha-1'
2 polymer 'Guanine nucleotide-binding protein G(I)/G(S)/G(T) subunit beta-1'
3 polymer SCFV16
4 polymer 'Guanine nucleotide-binding protein G(I)/G(S)/G(O) subunit gamma-2'
5 polymer '5-hydroxytryptamine receptor 1A'
6 non-polymer Cinobufotenine
7 non-polymer '[(2R)-1-[oxidanyl-[(2R,3R,5S,6R)-2,3,5,6-tetrakis(oxidanyl)-4-phosphonooxy-cyclohexyl]oxy-phosphoryl]oxy-3-tetradecanoyloxy-propan-2-yl] (5E,8E)-hexadeca-5,8,11,14-tetraenoate'
8 non-polymer 'GLYCOCHENODEOXYCHOLIC ACID'
9 non-polymer CHOLESTEROL
10 water water
#
loop_
_entity_poly.entity_id
_entity_poly.type
_entity_poly.pdbx_seq_one_letter_code
_entity_poly.pdbx_strand_id
1 'polypeptide(L)'
;MGCTLSAEDKAAVERSKMIDRNLREDGEKAAREVKLLLLGAGESGKNTIVKQMKIIHEAGYSEEECKQYKAVVYSNTIQS
IIAIIRAMGRLKIDFGDSARADDARQLFVLAGAAEEGFMTAELAGVIKRLWKDSGVQACFNRSREYQLNDSAAYYLNDLD
RIAQPNYIPTQQDVLRTRVKTTGIVETHFTFKDLHFKMFDVGAQRSERKKWIHCFEGVTAIIFCVALSDYDLVLADEAEM
NRMHASMKLFDSICNNKWFTDTSIILFLNKKDLFEEKIKKSPLTICYPEYAGSNTYEEAAAYIQCQFEDLNKRKDTKEIY
THFTCSTDTKNVQFVFDAVTDVIIKNNLKDCGLF
;
A
2 'polypeptide(L)'
;GSLLQSELDQLRQEAEQLKNQIRDARKACADATLSQITNNIDPVGRIQMRTRRTLRGHLAKIYAMHWGTDSRLLVSASQD
GKLIIWDSYTTNKVHAIPLRSSWVMTCAYAPSGNYVACGGLDNICSIYNLKTREGNVRVSRELAGHTGYLSCCRFLDDNQ
IVTSSGDTTCALWDIETGQQTTTFTGHTGDVMSLSLAPDTRLFVSGACDASAKLWDVREGMCRQTFTGHESDINAICFFP
NGNAFATGSDDATCRLFDLRADQELMTYSHDNIICGITSVSFSKSGRLLLAGYDDFNCNVWDALKADRAGVLAGHDNRVS
CLGVTDDGMAVATGSWDSFLKIWN
;
B
3 'polypeptide(L)'
;VQLVESGGGLVQPGGSRKLSCSASGFAFSSFGMHWVRQAPEKGLEWVAYISSGSGTIYYADTVKGRFTISRDDPKNTLFL
QMTSLRSEDTAMYYCVRSIYYYGSSPFDFWGQGTTLTVSAGGGGSGGGGSGGGGSADIVMTQATSSVPVTPGESVSISCR
SSKSLLHSNGNTYLYWFLQRPGQSPQLLIYRMSNLASGVPDRFSGSGSGTAFTLTISRLEAEDVGVYYCMQHLEYPLTFG
AGTKLEL
;
E
4 'polypeptide(L)' MASNNTASIAQARKLVEQLKMEANIDRIKVSKAAADLMAYCEAHAKEDPLLTPVPASENPFREKKFFCAIL G
5 'polypeptide(L)'
;TTGISDVTVSYQVITSLLLGTLIFCAVLGNACVVAAIALERSLQNVANYLIGSLAVTDLMVSVLVLPMAALYQVLNKWTL
GQVTCDLFIALDVLCCTSSIWHLCAIALDRYWAITDPIDYVNKRTPRRAAALISLTWLIGFLISIPPMLGWRTPEDRSDP
DACTISKDHGYTIYSTFGAFYIPLLLMLVLYGRIFRAARFRIRKTVKKVEKTGADTRHGASPAPQPKKSVNGESGSRNWR
LGVESKAGGALCANGAVRQGDDGAALEVIEVHRVGNSKEHLPLPSEAGPTPCAPASFERKNERNAEAKRKMALARERKTV
KTLGIIMGTFILCWLPFFIVALVLPFCESSCHMPTLLGAIINWLGYSNSLLNPVIYAYFNKDFQNAFKKIIKCKFCRQ
;
R
#
# COMPACT_ATOMS: atom_id res chain seq x y z
N CYS A 3 11.01 17.55 19.87
CA CYS A 3 10.32 18.46 20.83
C CYS A 3 9.58 19.58 20.10
N THR A 4 9.52 19.49 18.78
CA THR A 4 8.85 20.49 17.96
C THR A 4 7.38 20.14 17.69
N LEU A 5 6.88 19.03 18.24
CA LEU A 5 5.51 18.59 18.04
C LEU A 5 4.71 18.78 19.32
N SER A 6 3.50 19.32 19.19
CA SER A 6 2.63 19.52 20.33
C SER A 6 2.03 18.18 20.80
N ALA A 7 1.32 18.23 21.93
CA ALA A 7 0.73 17.02 22.48
C ALA A 7 -0.27 16.39 21.51
N GLU A 8 -1.10 17.23 20.88
CA GLU A 8 -2.05 16.69 19.92
C GLU A 8 -1.33 16.07 18.73
N ASP A 9 -0.22 16.66 18.30
CA ASP A 9 0.58 16.05 17.24
C ASP A 9 1.14 14.70 17.68
N LYS A 10 1.59 14.60 18.93
CA LYS A 10 2.07 13.32 19.44
C LYS A 10 0.97 12.28 19.45
N ALA A 11 -0.24 12.67 19.88
CA ALA A 11 -1.36 11.73 19.87
C ALA A 11 -1.70 11.30 18.44
N ALA A 12 -1.66 12.24 17.50
CA ALA A 12 -1.92 11.89 16.12
C ALA A 12 -0.87 10.92 15.57
N VAL A 13 0.39 11.13 15.94
CA VAL A 13 1.46 10.22 15.51
C VAL A 13 1.23 8.84 16.11
N GLU A 14 0.84 8.78 17.38
CA GLU A 14 0.55 7.49 18.00
C GLU A 14 -0.59 6.78 17.28
N ARG A 15 -1.66 7.51 16.97
CA ARG A 15 -2.78 6.91 16.25
C ARG A 15 -2.35 6.44 14.86
N SER A 16 -1.51 7.22 14.18
CA SER A 16 -1.06 6.83 12.84
C SER A 16 -0.23 5.55 12.91
N LYS A 17 0.67 5.44 13.89
CA LYS A 17 1.48 4.23 13.99
C LYS A 17 0.63 3.03 14.40
N MET A 18 -0.39 3.24 15.24
CA MET A 18 -1.29 2.14 15.58
C MET A 18 -2.06 1.67 14.35
N ILE A 19 -2.52 2.61 13.53
CA ILE A 19 -3.20 2.25 12.28
C ILE A 19 -2.24 1.51 11.37
N ASP A 20 -0.98 1.94 11.32
CA ASP A 20 0.01 1.24 10.51
C ASP A 20 0.20 -0.20 10.99
N ARG A 21 0.26 -0.39 12.31
CA ARG A 21 0.39 -1.74 12.85
C ARG A 21 -0.81 -2.60 12.47
N ASN A 22 -2.02 -2.03 12.57
CA ASN A 22 -3.22 -2.78 12.20
C ASN A 22 -3.20 -3.13 10.71
N LEU A 23 -2.78 -2.19 9.86
CA LEU A 23 -2.70 -2.46 8.44
C LEU A 23 -1.69 -3.56 8.14
N ARG A 24 -0.53 -3.53 8.81
CA ARG A 24 0.47 -4.56 8.60
C ARG A 24 -0.05 -5.92 9.05
N GLU A 25 -0.75 -5.96 10.18
CA GLU A 25 -1.33 -7.23 10.64
C GLU A 25 -2.35 -7.76 9.64
N ASP A 26 -3.20 -6.89 9.11
CA ASP A 26 -4.17 -7.32 8.12
C ASP A 26 -3.48 -7.81 6.85
N GLY A 27 -2.42 -7.13 6.43
CA GLY A 27 -1.68 -7.58 5.26
C GLY A 27 -1.04 -8.93 5.48
N GLU A 28 -0.49 -9.16 6.67
CA GLU A 28 0.09 -10.46 6.98
C GLU A 28 -0.99 -11.54 6.96
N LYS A 29 -2.18 -11.24 7.49
CA LYS A 29 -3.27 -12.21 7.45
C LYS A 29 -3.66 -12.51 6.01
N ALA A 30 -3.73 -11.49 5.17
CA ALA A 30 -4.16 -11.70 3.78
C ALA A 30 -3.09 -12.44 2.98
N ALA A 31 -1.81 -12.26 3.33
CA ALA A 31 -0.73 -12.87 2.57
C ALA A 31 -0.82 -14.39 2.62
N ARG A 32 -1.14 -14.95 3.78
CA ARG A 32 -1.21 -16.40 3.93
C ARG A 32 -2.51 -16.94 3.35
N GLU A 33 -2.76 -16.67 2.07
CA GLU A 33 -3.96 -17.15 1.39
C GLU A 33 -3.63 -17.38 -0.07
N VAL A 34 -4.44 -18.22 -0.72
CA VAL A 34 -4.26 -18.59 -2.11
C VAL A 34 -5.38 -17.93 -2.92
N LYS A 35 -5.00 -17.13 -3.91
CA LYS A 35 -5.96 -16.45 -4.77
C LYS A 35 -6.08 -17.21 -6.08
N LEU A 36 -7.28 -17.67 -6.39
CA LEU A 36 -7.56 -18.43 -7.61
C LEU A 36 -8.63 -17.71 -8.41
N LEU A 37 -8.45 -17.64 -9.72
CA LEU A 37 -9.37 -16.95 -10.61
C LEU A 37 -10.19 -17.98 -11.37
N LEU A 38 -11.51 -17.83 -11.33
CA LEU A 38 -12.43 -18.74 -12.00
C LEU A 38 -12.96 -18.07 -13.26
N LEU A 39 -12.81 -18.75 -14.40
CA LEU A 39 -13.26 -18.25 -15.68
C LEU A 39 -13.96 -19.37 -16.45
N GLY A 40 -14.88 -18.97 -17.33
CA GLY A 40 -15.62 -19.92 -18.15
C GLY A 40 -16.78 -19.29 -18.88
N SER A 44 -21.25 -23.43 -18.38
CA SER A 44 -20.12 -24.32 -18.62
C SER A 44 -19.76 -25.09 -17.36
N GLY A 45 -20.74 -25.31 -16.50
CA GLY A 45 -20.51 -26.04 -15.27
C GLY A 45 -19.81 -25.26 -14.18
N LYS A 46 -19.72 -23.94 -14.31
CA LYS A 46 -19.04 -23.14 -13.28
C LYS A 46 -19.75 -23.29 -11.94
N ASN A 47 -21.08 -23.23 -11.94
CA ASN A 47 -21.83 -23.37 -10.69
C ASN A 47 -21.60 -24.75 -10.08
N THR A 48 -21.60 -25.79 -10.91
CA THR A 48 -21.36 -27.14 -10.40
C THR A 48 -19.96 -27.24 -9.79
N ILE A 49 -18.95 -26.67 -10.45
CA ILE A 49 -17.59 -26.71 -9.92
C ILE A 49 -17.52 -25.96 -8.61
N VAL A 50 -18.16 -24.80 -8.53
CA VAL A 50 -18.16 -24.03 -7.28
C VAL A 50 -18.79 -24.84 -6.17
N LYS A 51 -19.92 -25.49 -6.46
CA LYS A 51 -20.59 -26.31 -5.46
C LYS A 51 -19.70 -27.45 -4.99
N GLN A 52 -19.06 -28.14 -5.92
CA GLN A 52 -18.20 -29.26 -5.55
C GLN A 52 -16.95 -28.81 -4.81
N MET A 53 -16.50 -27.57 -5.05
CA MET A 53 -15.27 -27.10 -4.43
C MET A 53 -15.45 -26.84 -2.95
N LYS A 54 -16.60 -26.35 -2.53
CA LYS A 54 -16.87 -26.07 -1.12
C LYS A 54 -17.72 -27.18 -0.50
N THR A 182 -24.12 -9.37 -8.71
CA THR A 182 -23.89 -8.91 -10.07
C THR A 182 -22.41 -8.63 -10.33
N GLY A 183 -21.63 -8.54 -9.24
CA GLY A 183 -20.21 -8.26 -9.35
C GLY A 183 -19.35 -9.47 -9.05
N ILE A 184 -18.19 -9.25 -8.45
CA ILE A 184 -17.27 -10.34 -8.14
C ILE A 184 -17.80 -11.10 -6.94
N VAL A 185 -17.83 -12.43 -7.05
CA VAL A 185 -18.27 -13.31 -5.97
C VAL A 185 -17.06 -14.07 -5.45
N GLU A 186 -16.84 -14.01 -4.14
CA GLU A 186 -15.69 -14.62 -3.49
C GLU A 186 -16.14 -15.82 -2.67
N THR A 187 -15.48 -16.95 -2.88
CA THR A 187 -15.75 -18.18 -2.14
C THR A 187 -14.49 -18.59 -1.39
N HIS A 188 -14.63 -18.82 -0.09
CA HIS A 188 -13.51 -19.19 0.78
C HIS A 188 -13.70 -20.64 1.22
N PHE A 189 -12.79 -21.51 0.79
CA PHE A 189 -12.81 -22.93 1.15
C PHE A 189 -11.43 -23.36 1.59
N THR A 190 -11.36 -24.09 2.69
CA THR A 190 -10.10 -24.57 3.26
C THR A 190 -10.02 -26.07 3.11
N PHE A 191 -8.90 -26.55 2.56
CA PHE A 191 -8.69 -27.98 2.36
C PHE A 191 -7.25 -28.32 2.74
N LYS A 192 -7.10 -29.35 3.57
CA LYS A 192 -5.78 -29.80 4.02
C LYS A 192 -4.96 -28.66 4.61
N ASP A 193 -5.63 -27.86 5.45
CA ASP A 193 -5.00 -26.79 6.24
C ASP A 193 -4.54 -25.61 5.40
N LEU A 194 -4.93 -25.55 4.12
CA LEU A 194 -4.57 -24.44 3.25
C LEU A 194 -5.84 -23.70 2.86
N HIS A 195 -5.86 -22.38 3.08
CA HIS A 195 -7.02 -21.55 2.79
C HIS A 195 -6.98 -21.10 1.34
N PHE A 196 -8.06 -21.33 0.61
CA PHE A 196 -8.18 -20.95 -0.79
C PHE A 196 -9.28 -19.91 -0.94
N LYS A 197 -8.96 -18.81 -1.62
CA LYS A 197 -9.93 -17.78 -1.96
C LYS A 197 -10.09 -17.77 -3.47
N MET A 198 -11.30 -18.05 -3.95
CA MET A 198 -11.61 -18.10 -5.37
C MET A 198 -12.53 -16.93 -5.71
N PHE A 199 -12.12 -16.12 -6.68
CA PHE A 199 -12.89 -14.97 -7.13
C PHE A 199 -13.52 -15.29 -8.48
N ASP A 200 -14.85 -15.19 -8.55
CA ASP A 200 -15.59 -15.48 -9.77
C ASP A 200 -15.84 -14.17 -10.50
N VAL A 201 -15.20 -14.01 -11.67
CA VAL A 201 -15.38 -12.81 -12.48
C VAL A 201 -16.58 -12.90 -13.41
N GLY A 202 -17.41 -13.94 -13.27
CA GLY A 202 -18.57 -14.07 -14.11
C GLY A 202 -19.58 -12.96 -13.86
N ALA A 203 -20.47 -12.77 -14.83
CA ALA A 203 -21.52 -11.77 -14.88
C ALA A 203 -20.95 -10.39 -15.23
N GLN A 204 -19.63 -10.24 -15.38
CA GLN A 204 -19.03 -8.95 -15.74
C GLN A 204 -18.90 -8.90 -17.27
N ARG A 205 -19.98 -8.44 -17.90
CA ARG A 205 -20.00 -8.32 -19.36
C ARG A 205 -19.12 -7.19 -19.87
N SER A 206 -18.61 -6.34 -18.98
CA SER A 206 -17.77 -5.22 -19.40
C SER A 206 -16.45 -5.73 -19.99
N GLU A 207 -15.79 -4.89 -20.78
CA GLU A 207 -14.53 -5.28 -21.39
C GLU A 207 -13.51 -5.66 -20.31
N ARG A 208 -12.81 -6.78 -20.53
CA ARG A 208 -11.86 -7.28 -19.55
C ARG A 208 -10.47 -6.68 -19.71
N LYS A 209 -10.24 -5.87 -20.73
CA LYS A 209 -8.94 -5.24 -20.89
C LYS A 209 -8.67 -4.19 -19.82
N LYS A 210 -9.69 -3.77 -19.07
CA LYS A 210 -9.57 -2.66 -18.13
C LYS A 210 -9.68 -3.09 -16.67
N TRP A 211 -9.98 -4.36 -16.39
CA TRP A 211 -10.05 -4.81 -15.00
C TRP A 211 -9.33 -6.14 -14.80
N ILE A 212 -8.90 -6.78 -15.89
CA ILE A 212 -8.21 -8.07 -15.74
C ILE A 212 -6.87 -7.87 -15.04
N HIS A 213 -6.26 -6.71 -15.20
CA HIS A 213 -4.97 -6.46 -14.56
C HIS A 213 -5.07 -6.42 -13.05
N CYS A 214 -6.29 -6.31 -12.50
CA CYS A 214 -6.43 -6.27 -11.04
C CYS A 214 -6.10 -7.61 -10.40
N PHE A 215 -6.04 -8.68 -11.18
CA PHE A 215 -5.82 -10.02 -10.65
C PHE A 215 -4.37 -10.49 -10.80
N GLU A 216 -3.43 -9.57 -11.00
CA GLU A 216 -2.03 -9.96 -11.07
C GLU A 216 -1.59 -10.59 -9.76
N GLY A 217 -0.82 -11.69 -9.86
CA GLY A 217 -0.31 -12.36 -8.69
C GLY A 217 -1.10 -13.56 -8.22
N VAL A 218 -2.17 -13.93 -8.93
CA VAL A 218 -2.93 -15.11 -8.56
C VAL A 218 -2.07 -16.35 -8.77
N THR A 219 -2.10 -17.26 -7.79
CA THR A 219 -1.26 -18.46 -7.87
C THR A 219 -1.62 -19.30 -9.10
N ALA A 220 -2.91 -19.48 -9.36
CA ALA A 220 -3.37 -20.29 -10.48
C ALA A 220 -4.72 -19.78 -10.96
N ILE A 221 -5.05 -20.11 -12.20
CA ILE A 221 -6.31 -19.72 -12.81
C ILE A 221 -7.11 -20.98 -13.12
N ILE A 222 -8.34 -21.05 -12.63
CA ILE A 222 -9.21 -22.20 -12.84
C ILE A 222 -10.10 -21.88 -14.03
N PHE A 223 -9.83 -22.52 -15.16
CA PHE A 223 -10.63 -22.37 -16.37
C PHE A 223 -11.50 -23.61 -16.55
N CYS A 224 -12.81 -23.41 -16.57
CA CYS A 224 -13.78 -24.51 -16.65
C CYS A 224 -14.47 -24.48 -18.01
N VAL A 225 -14.52 -25.65 -18.66
CA VAL A 225 -15.20 -25.80 -19.94
C VAL A 225 -16.10 -27.03 -19.86
N ALA A 226 -17.14 -27.04 -20.69
CA ALA A 226 -18.10 -28.13 -20.73
C ALA A 226 -17.84 -28.95 -22.00
N LEU A 227 -17.50 -30.23 -21.81
CA LEU A 227 -17.26 -31.11 -22.96
C LEU A 227 -18.53 -31.33 -23.76
N SER A 228 -19.68 -31.49 -23.10
CA SER A 228 -20.91 -31.85 -23.80
C SER A 228 -21.37 -30.74 -24.72
N ASP A 229 -20.87 -29.51 -24.52
CA ASP A 229 -21.34 -28.35 -25.26
C ASP A 229 -20.65 -28.17 -26.61
N TYR A 230 -20.03 -29.20 -27.17
CA TYR A 230 -19.42 -29.07 -28.48
C TYR A 230 -20.47 -28.91 -29.58
N ASP A 231 -21.69 -29.37 -29.33
CA ASP A 231 -22.76 -29.30 -30.32
C ASP A 231 -23.59 -28.03 -30.20
N LEU A 232 -23.38 -27.21 -29.17
CA LEU A 232 -24.15 -26.00 -28.95
C LEU A 232 -23.52 -24.84 -29.72
N VAL A 233 -24.35 -23.89 -30.13
CA VAL A 233 -23.92 -22.76 -30.95
C VAL A 233 -24.05 -21.43 -30.25
N LEU A 234 -24.50 -21.41 -28.98
CA LEU A 234 -24.62 -20.16 -28.23
C LEU A 234 -25.52 -19.15 -28.93
N ALA A 235 -26.50 -19.64 -29.68
CA ALA A 235 -27.40 -18.76 -30.42
C ALA A 235 -26.61 -17.81 -31.29
N ASP A 236 -27.06 -16.56 -31.39
CA ASP A 236 -26.38 -15.53 -32.19
C ASP A 236 -26.23 -15.99 -33.64
N GLU A 237 -27.36 -16.31 -34.25
CA GLU A 237 -27.43 -16.80 -35.63
C GLU A 237 -26.35 -17.84 -35.90
N ALA A 238 -26.01 -18.63 -34.89
CA ALA A 238 -25.01 -19.70 -35.02
C ALA A 238 -23.70 -19.16 -35.59
N GLU A 239 -23.32 -17.97 -35.14
CA GLU A 239 -22.06 -17.36 -35.57
C GLU A 239 -20.86 -17.89 -34.80
N MET A 240 -21.09 -18.60 -33.69
CA MET A 240 -20.01 -19.16 -32.88
C MET A 240 -20.48 -20.47 -32.27
N ASN A 241 -19.52 -21.23 -31.77
CA ASN A 241 -19.78 -22.49 -31.07
C ASN A 241 -19.23 -22.40 -29.66
N ARG A 242 -19.90 -23.06 -28.72
CA ARG A 242 -19.47 -22.98 -27.33
C ARG A 242 -18.05 -23.49 -27.11
N MET A 243 -17.68 -24.59 -27.76
CA MET A 243 -16.31 -25.09 -27.65
C MET A 243 -15.32 -24.09 -28.24
N HIS A 244 -15.65 -23.51 -29.39
CA HIS A 244 -14.77 -22.53 -30.01
C HIS A 244 -14.65 -21.27 -29.15
N ALA A 245 -15.77 -20.82 -28.58
CA ALA A 245 -15.71 -19.67 -27.68
C ALA A 245 -14.85 -19.98 -26.46
N SER A 246 -15.00 -21.18 -25.90
CA SER A 246 -14.22 -21.58 -24.74
C SER A 246 -12.73 -21.60 -25.06
N MET A 247 -12.37 -22.16 -26.22
CA MET A 247 -10.96 -22.23 -26.58
C MET A 247 -10.40 -20.84 -26.86
N LYS A 248 -11.21 -19.96 -27.47
CA LYS A 248 -10.76 -18.58 -27.69
C LYS A 248 -10.50 -17.88 -26.36
N LEU A 249 -11.42 -18.03 -25.40
CA LEU A 249 -11.22 -17.42 -24.08
C LEU A 249 -9.99 -18.00 -23.40
N PHE A 250 -9.80 -19.32 -23.50
CA PHE A 250 -8.63 -19.94 -22.90
C PHE A 250 -7.35 -19.39 -23.49
N ASP A 251 -7.30 -19.25 -24.82
CA ASP A 251 -6.12 -18.70 -25.46
C ASP A 251 -5.87 -17.26 -25.02
N SER A 252 -6.94 -16.46 -24.97
CA SER A 252 -6.79 -15.07 -24.56
C SER A 252 -6.25 -14.96 -23.15
N ILE A 253 -6.77 -15.77 -22.23
CA ILE A 253 -6.33 -15.71 -20.84
C ILE A 253 -4.89 -16.22 -20.71
N CYS A 254 -4.59 -17.35 -21.35
CA CYS A 254 -3.27 -17.94 -21.22
C CYS A 254 -2.18 -17.06 -21.82
N ASN A 255 -2.45 -16.46 -22.99
CA ASN A 255 -1.47 -15.63 -23.67
C ASN A 255 -1.51 -14.18 -23.21
N ASN A 256 -2.35 -13.84 -22.24
CA ASN A 256 -2.41 -12.49 -21.73
C ASN A 256 -1.07 -12.11 -21.09
N LYS A 257 -0.69 -10.84 -21.25
CA LYS A 257 0.60 -10.39 -20.74
C LYS A 257 0.67 -10.51 -19.22
N TRP A 258 -0.43 -10.19 -18.53
CA TRP A 258 -0.40 -10.18 -17.07
C TRP A 258 -0.19 -11.59 -16.50
N PHE A 259 -0.57 -12.63 -17.23
CA PHE A 259 -0.50 -14.01 -16.75
C PHE A 259 0.56 -14.83 -17.48
N THR A 260 1.70 -14.21 -17.78
CA THR A 260 2.77 -14.94 -18.46
C THR A 260 3.41 -16.00 -17.56
N ASP A 261 3.17 -15.94 -16.24
CA ASP A 261 3.75 -16.90 -15.30
C ASP A 261 2.70 -17.39 -14.31
N THR A 262 1.49 -17.71 -14.79
CA THR A 262 0.41 -18.19 -13.96
C THR A 262 -0.07 -19.53 -14.49
N SER A 263 -0.08 -20.55 -13.64
CA SER A 263 -0.57 -21.86 -14.02
C SER A 263 -2.08 -21.84 -14.21
N ILE A 264 -2.56 -22.70 -15.10
CA ILE A 264 -3.98 -22.80 -15.42
C ILE A 264 -4.48 -24.17 -14.98
N ILE A 265 -5.51 -24.19 -14.14
CA ILE A 265 -6.15 -25.43 -13.72
C ILE A 265 -7.36 -25.62 -14.62
N LEU A 266 -7.15 -26.31 -15.75
CA LEU A 266 -8.19 -26.51 -16.74
C LEU A 266 -9.15 -27.60 -16.25
N PHE A 267 -10.45 -27.30 -16.29
CA PHE A 267 -11.49 -28.24 -15.89
C PHE A 267 -12.39 -28.52 -17.08
N LEU A 268 -12.58 -29.81 -17.38
CA LEU A 268 -13.51 -30.27 -18.40
C LEU A 268 -14.69 -30.93 -17.69
N ASN A 269 -15.83 -30.26 -17.70
CA ASN A 269 -16.99 -30.71 -16.96
C ASN A 269 -18.00 -31.41 -17.87
N LYS A 270 -19.01 -32.03 -17.25
CA LYS A 270 -20.10 -32.66 -17.97
C LYS A 270 -19.60 -33.81 -18.86
N LYS A 271 -18.72 -34.64 -18.33
CA LYS A 271 -18.19 -35.76 -19.10
C LYS A 271 -19.28 -36.77 -19.44
N ASP A 272 -20.22 -37.02 -18.53
CA ASP A 272 -21.27 -38.00 -18.81
C ASP A 272 -22.12 -37.58 -19.98
N LEU A 273 -22.56 -36.31 -20.01
CA LEU A 273 -23.34 -35.84 -21.14
C LEU A 273 -22.51 -35.81 -22.42
N PHE A 274 -21.21 -35.54 -22.31
CA PHE A 274 -20.34 -35.60 -23.48
C PHE A 274 -20.33 -37.00 -24.08
N GLU A 275 -20.17 -38.02 -23.22
CA GLU A 275 -20.20 -39.40 -23.69
C GLU A 275 -21.55 -39.72 -24.31
N GLU A 276 -22.64 -39.31 -23.64
CA GLU A 276 -23.97 -39.61 -24.15
C GLU A 276 -24.19 -38.98 -25.52
N LYS A 277 -23.69 -37.76 -25.73
CA LYS A 277 -23.88 -37.08 -27.00
C LYS A 277 -23.01 -37.68 -28.10
N ILE A 278 -21.74 -37.96 -27.79
CA ILE A 278 -20.86 -38.54 -28.81
C ILE A 278 -21.34 -39.94 -29.19
N LYS A 279 -22.05 -40.62 -28.30
CA LYS A 279 -22.63 -41.91 -28.66
C LYS A 279 -23.46 -41.81 -29.93
N LYS A 280 -24.27 -40.76 -30.03
CA LYS A 280 -25.11 -40.55 -31.22
C LYS A 280 -24.44 -39.61 -32.23
N SER A 281 -24.15 -38.39 -31.80
CA SER A 281 -23.65 -37.36 -32.70
C SER A 281 -22.13 -37.23 -32.57
N PRO A 282 -21.35 -37.52 -33.61
CA PRO A 282 -19.89 -37.41 -33.47
C PRO A 282 -19.46 -35.97 -33.24
N LEU A 283 -18.33 -35.82 -32.54
CA LEU A 283 -17.79 -34.48 -32.27
C LEU A 283 -17.21 -33.84 -33.51
N THR A 284 -17.12 -34.57 -34.63
CA THR A 284 -16.54 -34.00 -35.84
C THR A 284 -17.30 -32.77 -36.31
N ILE A 285 -18.55 -32.62 -35.88
CA ILE A 285 -19.31 -31.42 -36.21
C ILE A 285 -18.60 -30.19 -35.71
N CYS A 286 -18.04 -30.27 -34.50
CA CYS A 286 -17.26 -29.17 -33.93
C CYS A 286 -15.83 -29.15 -34.45
N TYR A 287 -15.28 -30.31 -34.79
CA TYR A 287 -13.92 -30.45 -35.29
C TYR A 287 -13.98 -31.06 -36.69
N PRO A 288 -14.04 -30.24 -37.75
CA PRO A 288 -14.13 -30.81 -39.10
C PRO A 288 -12.96 -31.70 -39.48
N GLU A 289 -11.76 -31.43 -38.97
CA GLU A 289 -10.55 -32.11 -39.41
C GLU A 289 -10.15 -33.27 -38.50
N TYR A 290 -10.98 -33.63 -37.51
CA TYR A 290 -10.67 -34.74 -36.60
C TYR A 290 -11.24 -36.02 -37.19
N ALA A 291 -10.36 -36.85 -37.74
CA ALA A 291 -10.72 -38.16 -38.27
C ALA A 291 -10.20 -39.22 -37.31
N GLY A 292 -11.08 -39.72 -36.45
CA GLY A 292 -10.69 -40.70 -35.46
C GLY A 292 -11.91 -41.36 -34.85
N SER A 293 -11.64 -42.29 -33.93
CA SER A 293 -12.71 -43.02 -33.27
C SER A 293 -13.54 -42.06 -32.41
N ASN A 294 -14.83 -42.39 -32.28
CA ASN A 294 -15.77 -41.57 -31.52
C ASN A 294 -15.90 -42.02 -30.08
N THR A 295 -15.11 -42.99 -29.63
CA THR A 295 -15.20 -43.45 -28.26
C THR A 295 -14.87 -42.31 -27.29
N TYR A 296 -15.34 -42.46 -26.05
CA TYR A 296 -15.22 -41.39 -25.08
C TYR A 296 -13.77 -41.02 -24.81
N GLU A 297 -12.92 -42.04 -24.61
CA GLU A 297 -11.53 -41.77 -24.25
C GLU A 297 -10.81 -40.97 -25.34
N GLU A 298 -10.94 -41.42 -26.60
CA GLU A 298 -10.22 -40.76 -27.68
C GLU A 298 -10.71 -39.33 -27.89
N ALA A 299 -12.03 -39.14 -27.89
CA ALA A 299 -12.58 -37.80 -28.10
C ALA A 299 -12.17 -36.86 -26.98
N ALA A 300 -12.27 -37.34 -25.73
CA ALA A 300 -11.88 -36.51 -24.59
C ALA A 300 -10.40 -36.15 -24.65
N ALA A 301 -9.55 -37.13 -24.99
CA ALA A 301 -8.13 -36.84 -25.11
C ALA A 301 -7.85 -35.83 -26.21
N TYR A 302 -8.55 -35.95 -27.34
CA TYR A 302 -8.34 -35.01 -28.44
C TYR A 302 -8.75 -33.60 -28.03
N ILE A 303 -9.88 -33.48 -27.33
CA ILE A 303 -10.33 -32.16 -26.88
C ILE A 303 -9.34 -31.57 -25.89
N GLN A 304 -8.85 -32.40 -24.96
CA GLN A 304 -7.87 -31.94 -23.98
C GLN A 304 -6.59 -31.48 -24.67
N CYS A 305 -6.12 -32.23 -25.67
CA CYS A 305 -4.93 -31.84 -26.42
C CYS A 305 -5.16 -30.55 -27.19
N GLN A 306 -6.36 -30.37 -27.77
CA GLN A 306 -6.67 -29.14 -28.47
C GLN A 306 -6.61 -27.94 -27.53
N PHE A 307 -7.17 -28.11 -26.33
CA PHE A 307 -7.09 -27.04 -25.33
C PHE A 307 -5.65 -26.77 -24.93
N GLU A 308 -4.86 -27.83 -24.76
CA GLU A 308 -3.45 -27.66 -24.38
C GLU A 308 -2.67 -26.93 -25.45
N ASP A 309 -2.94 -27.20 -26.72
CA ASP A 309 -2.14 -26.64 -27.80
C ASP A 309 -2.21 -25.12 -27.84
N LEU A 310 -3.20 -24.52 -27.18
CA LEU A 310 -3.33 -23.07 -27.18
C LEU A 310 -2.19 -22.38 -26.47
N ASN A 311 -1.37 -23.11 -25.71
CA ASN A 311 -0.30 -22.52 -24.92
C ASN A 311 0.84 -22.12 -25.84
N LYS A 312 1.05 -20.81 -26.00
CA LYS A 312 2.19 -20.29 -26.75
C LYS A 312 3.43 -20.09 -25.91
N ARG A 313 3.32 -20.24 -24.59
CA ARG A 313 4.45 -20.11 -23.67
C ARG A 313 4.51 -21.32 -22.74
N LYS A 314 4.45 -22.51 -23.33
CA LYS A 314 4.37 -23.75 -22.56
C LYS A 314 5.52 -23.91 -21.59
N ASP A 315 6.69 -23.33 -21.89
CA ASP A 315 7.85 -23.52 -21.03
C ASP A 315 7.64 -22.91 -19.65
N THR A 316 7.04 -21.71 -19.61
CA THR A 316 6.96 -20.97 -18.36
C THR A 316 5.85 -21.46 -17.43
N LYS A 317 4.70 -21.85 -17.99
CA LYS A 317 3.52 -22.16 -17.20
C LYS A 317 3.05 -23.58 -17.47
N GLU A 318 2.53 -24.23 -16.44
CA GLU A 318 1.97 -25.57 -16.55
C GLU A 318 0.45 -25.48 -16.70
N ILE A 319 -0.12 -26.38 -17.51
CA ILE A 319 -1.55 -26.43 -17.72
C ILE A 319 -2.06 -27.76 -17.15
N TYR A 320 -2.66 -27.71 -15.96
CA TYR A 320 -3.26 -28.90 -15.38
C TYR A 320 -4.67 -29.10 -15.93
N THR A 321 -4.95 -30.32 -16.40
CA THR A 321 -6.24 -30.66 -16.96
C THR A 321 -6.82 -31.85 -16.21
N HIS A 322 -8.11 -31.78 -15.90
CA HIS A 322 -8.80 -32.80 -15.14
C HIS A 322 -10.21 -32.98 -15.68
N PHE A 323 -10.61 -34.22 -15.88
CA PHE A 323 -12.01 -34.54 -16.19
C PHE A 323 -12.77 -34.53 -14.87
N THR A 324 -13.44 -33.42 -14.59
CA THR A 324 -13.86 -33.11 -13.23
C THR A 324 -14.88 -34.11 -12.69
N CYS A 325 -15.85 -34.52 -13.50
CA CYS A 325 -17.01 -35.24 -12.99
C CYS A 325 -17.73 -34.35 -11.98
N SER A 326 -18.74 -34.90 -11.30
CA SER A 326 -19.56 -34.11 -10.39
C SER A 326 -19.86 -34.89 -9.12
N THR A 327 -18.84 -35.49 -8.51
CA THR A 327 -19.01 -36.26 -7.29
C THR A 327 -17.73 -36.24 -6.48
N ASP A 328 -17.88 -36.26 -5.16
CA ASP A 328 -16.77 -36.37 -4.23
C ASP A 328 -15.76 -35.24 -4.39
N THR A 329 -14.64 -35.33 -3.68
CA THR A 329 -13.63 -34.28 -3.64
C THR A 329 -12.65 -34.35 -4.82
N LYS A 330 -13.02 -35.00 -5.92
CA LYS A 330 -12.10 -35.17 -7.03
C LYS A 330 -11.60 -33.84 -7.59
N ASN A 331 -12.34 -32.75 -7.38
CA ASN A 331 -11.92 -31.44 -7.86
C ASN A 331 -11.12 -30.66 -6.83
N VAL A 332 -11.53 -30.69 -5.56
CA VAL A 332 -10.79 -29.98 -4.51
C VAL A 332 -9.39 -30.55 -4.39
N GLN A 333 -9.27 -31.88 -4.41
CA GLN A 333 -7.95 -32.50 -4.32
C GLN A 333 -7.08 -32.15 -5.51
N PHE A 334 -7.66 -32.14 -6.72
CA PHE A 334 -6.88 -31.76 -7.90
C PHE A 334 -6.40 -30.31 -7.80
N VAL A 335 -7.28 -29.41 -7.34
CA VAL A 335 -6.89 -28.01 -7.19
C VAL A 335 -5.77 -27.89 -6.17
N PHE A 336 -5.89 -28.60 -5.05
CA PHE A 336 -4.85 -28.56 -4.02
C PHE A 336 -3.52 -29.07 -4.56
N ASP A 337 -3.56 -30.18 -5.31
CA ASP A 337 -2.34 -30.73 -5.87
C ASP A 337 -1.70 -29.76 -6.86
N ALA A 338 -2.52 -29.13 -7.71
CA ALA A 338 -2.00 -28.16 -8.66
C ALA A 338 -1.38 -26.97 -7.96
N VAL A 339 -2.03 -26.47 -6.91
CA VAL A 339 -1.47 -25.33 -6.17
C VAL A 339 -0.16 -25.72 -5.53
N THR A 340 -0.10 -26.91 -4.92
CA THR A 340 1.13 -27.36 -4.28
C THR A 340 2.25 -27.48 -5.29
N ASP A 341 1.97 -28.08 -6.44
CA ASP A 341 2.99 -28.22 -7.48
C ASP A 341 3.46 -26.87 -7.99
N VAL A 342 2.54 -25.93 -8.21
CA VAL A 342 2.93 -24.60 -8.67
C VAL A 342 3.82 -23.92 -7.65
N ILE A 343 3.45 -24.01 -6.37
CA ILE A 343 4.25 -23.37 -5.32
C ILE A 343 5.64 -23.98 -5.27
N ILE A 344 5.72 -25.31 -5.31
CA ILE A 344 7.02 -25.99 -5.23
C ILE A 344 7.88 -25.60 -6.42
N LYS A 345 7.30 -25.59 -7.61
CA LYS A 345 8.06 -25.25 -8.81
C LYS A 345 8.53 -23.81 -8.78
N ASN A 346 7.68 -22.89 -8.29
CA ASN A 346 8.11 -21.50 -8.17
C ASN A 346 9.24 -21.36 -7.18
N ASN A 347 9.16 -22.06 -6.05
CA ASN A 347 10.24 -22.01 -5.06
C ASN A 347 11.54 -22.54 -5.66
N LEU A 348 11.46 -23.65 -6.40
CA LEU A 348 12.65 -24.19 -7.04
C LEU A 348 13.22 -23.21 -8.05
N LYS A 349 12.35 -22.55 -8.83
CA LYS A 349 12.81 -21.57 -9.81
C LYS A 349 13.52 -20.41 -9.13
N ASP A 350 13.00 -19.98 -7.97
CA ASP A 350 13.64 -18.89 -7.23
C ASP A 350 15.08 -19.25 -6.90
N CYS A 351 15.32 -20.49 -6.47
CA CYS A 351 16.67 -20.93 -6.18
C CYS A 351 17.47 -21.21 -7.45
N GLY A 352 16.79 -21.33 -8.60
CA GLY A 352 17.45 -21.62 -9.86
C GLY A 352 17.59 -23.10 -10.17
N LEU A 353 17.20 -23.98 -9.24
CA LEU A 353 17.29 -25.41 -9.45
C LEU A 353 16.40 -25.85 -10.60
N PHE A 354 15.12 -25.48 -10.56
CA PHE A 354 14.17 -25.89 -11.58
C PHE A 354 14.00 -24.82 -12.64
N GLN B 13 -32.53 6.17 -44.22
CA GLN B 13 -33.03 4.89 -43.65
C GLN B 13 -32.61 4.74 -42.19
N GLU B 14 -31.36 5.08 -41.90
CA GLU B 14 -30.80 4.96 -40.56
C GLU B 14 -30.00 6.21 -40.21
N ALA B 15 -30.53 7.38 -40.56
CA ALA B 15 -29.91 8.66 -40.21
C ALA B 15 -28.50 8.77 -40.81
N GLU B 16 -28.42 8.59 -42.13
CA GLU B 16 -27.12 8.68 -42.79
C GLU B 16 -26.64 10.12 -42.91
N GLN B 17 -27.54 11.04 -43.23
CA GLN B 17 -27.14 12.42 -43.53
C GLN B 17 -26.75 13.18 -42.27
N LEU B 18 -27.31 12.80 -41.12
CA LEU B 18 -27.12 13.59 -39.91
C LEU B 18 -25.65 13.65 -39.50
N LYS B 19 -24.92 12.55 -39.65
CA LYS B 19 -23.56 12.48 -39.15
C LYS B 19 -22.68 13.56 -39.78
N ASN B 20 -22.76 13.70 -41.10
CA ASN B 20 -21.91 14.67 -41.80
C ASN B 20 -22.37 16.10 -41.58
N GLN B 21 -23.66 16.29 -41.27
CA GLN B 21 -24.16 17.65 -41.04
C GLN B 21 -23.48 18.28 -39.84
N ILE B 22 -23.30 17.51 -38.77
CA ILE B 22 -22.56 18.01 -37.60
C ILE B 22 -21.09 18.19 -37.94
N ARG B 23 -20.55 17.27 -38.75
CA ARG B 23 -19.13 17.33 -39.09
C ARG B 23 -18.79 18.63 -39.82
N ASP B 24 -19.60 18.99 -40.81
CA ASP B 24 -19.34 20.22 -41.57
C ASP B 24 -19.44 21.44 -40.67
N ALA B 25 -20.47 21.48 -39.81
CA ALA B 25 -20.63 22.62 -38.92
C ALA B 25 -19.45 22.76 -37.98
N ARG B 26 -18.97 21.64 -37.42
CA ARG B 26 -17.81 21.68 -36.54
C ARG B 26 -16.56 22.12 -37.29
N LYS B 27 -16.39 21.64 -38.53
CA LYS B 27 -15.22 22.00 -39.32
C LYS B 27 -15.21 23.50 -39.63
N ALA B 28 -16.38 24.06 -39.94
CA ALA B 28 -16.43 25.44 -40.42
C ALA B 28 -15.90 26.43 -39.39
N CYS B 29 -15.94 26.07 -38.10
CA CYS B 29 -15.57 27.01 -37.04
C CYS B 29 -14.06 27.07 -36.80
N ALA B 30 -13.26 26.24 -37.47
CA ALA B 30 -11.82 26.25 -37.27
C ALA B 30 -11.16 27.43 -37.96
N ASP B 31 -10.88 28.51 -37.22
CA ASP B 31 -10.26 29.69 -37.77
C ASP B 31 -8.77 29.78 -37.42
N ALA B 32 -8.43 29.59 -36.14
CA ALA B 32 -7.05 29.66 -35.70
C ALA B 32 -6.87 28.68 -34.54
N THR B 33 -5.81 27.88 -34.61
CA THR B 33 -5.54 26.90 -33.56
C THR B 33 -4.94 27.56 -32.33
N LEU B 34 -4.95 26.82 -31.22
CA LEU B 34 -4.43 27.35 -29.97
C LEU B 34 -2.94 27.64 -30.05
N SER B 35 -2.21 26.92 -30.91
CA SER B 35 -0.77 27.11 -30.99
C SER B 35 -0.42 28.51 -31.46
N GLN B 36 -1.18 29.03 -32.44
CA GLN B 36 -0.88 30.35 -33.00
C GLN B 36 -1.00 31.43 -31.94
N ILE B 37 -2.05 31.35 -31.11
CA ILE B 37 -2.31 32.40 -30.13
C ILE B 37 -1.21 32.46 -29.07
N THR B 38 -0.71 31.31 -28.65
CA THR B 38 0.23 31.23 -27.54
C THR B 38 1.68 31.40 -27.97
N ASN B 39 1.93 31.91 -29.19
CA ASN B 39 3.30 32.13 -29.64
C ASN B 39 4.01 33.15 -28.77
N ASN B 40 3.32 34.23 -28.39
CA ASN B 40 3.92 35.30 -27.61
C ASN B 40 3.99 34.99 -26.13
N ILE B 41 3.38 33.89 -25.68
CA ILE B 41 3.39 33.51 -24.27
C ILE B 41 4.75 32.94 -23.92
N ASP B 42 5.35 33.44 -22.84
CA ASP B 42 6.64 32.94 -22.42
C ASP B 42 6.51 31.51 -21.89
N PRO B 43 7.52 30.67 -22.08
CA PRO B 43 7.43 29.30 -21.58
C PRO B 43 7.44 29.25 -20.06
N VAL B 44 6.86 28.19 -19.51
CA VAL B 44 6.84 28.00 -18.07
C VAL B 44 8.25 27.90 -17.52
N GLY B 45 9.15 27.27 -18.27
CA GLY B 45 10.49 27.00 -17.78
C GLY B 45 10.54 25.72 -16.97
N ARG B 46 11.75 25.27 -16.61
CA ARG B 46 11.88 24.05 -15.84
C ARG B 46 11.20 24.19 -14.49
N ILE B 47 10.42 23.18 -14.12
CA ILE B 47 9.75 23.14 -12.82
C ILE B 47 10.55 22.22 -11.92
N GLN B 48 11.14 22.78 -10.86
CA GLN B 48 12.01 22.03 -9.96
C GLN B 48 11.16 21.23 -8.96
N MET B 49 10.35 20.33 -9.52
CA MET B 49 9.51 19.47 -8.69
C MET B 49 10.38 18.49 -7.91
N ARG B 50 10.14 18.40 -6.60
CA ARG B 50 10.86 17.48 -5.75
C ARG B 50 9.92 16.91 -4.70
N THR B 51 10.05 15.62 -4.42
CA THR B 51 9.22 14.98 -3.40
C THR B 51 9.47 15.62 -2.04
N ARG B 52 8.38 15.93 -1.34
CA ARG B 52 8.45 16.54 -0.01
C ARG B 52 7.96 15.60 1.08
N ARG B 53 6.81 14.96 0.87
CA ARG B 53 6.27 13.98 1.81
C ARG B 53 6.00 12.69 1.06
N THR B 54 6.55 11.58 1.56
CA THR B 54 6.36 10.26 0.96
C THR B 54 5.38 9.51 1.85
N LEU B 55 4.14 9.39 1.39
CA LEU B 55 3.09 8.69 2.13
C LEU B 55 3.13 7.22 1.75
N ARG B 56 3.41 6.37 2.73
CA ARG B 56 3.56 4.94 2.51
C ARG B 56 2.83 4.17 3.61
N GLY B 57 2.49 2.93 3.31
CA GLY B 57 1.73 2.10 4.21
C GLY B 57 0.77 1.19 3.48
N HIS B 58 0.44 1.54 2.23
CA HIS B 58 -0.35 0.65 1.40
C HIS B 58 0.46 -0.58 1.03
N LEU B 59 -0.17 -1.76 1.13
CA LEU B 59 0.48 -3.03 0.85
C LEU B 59 0.09 -3.59 -0.51
N ALA B 60 -0.54 -2.78 -1.36
CA ALA B 60 -0.95 -3.23 -2.68
C ALA B 60 -1.04 -2.02 -3.60
N LYS B 61 -1.04 -2.31 -4.90
CA LYS B 61 -1.13 -1.24 -5.90
C LYS B 61 -2.40 -0.42 -5.70
N ILE B 62 -2.25 0.90 -5.76
CA ILE B 62 -3.36 1.83 -5.57
C ILE B 62 -3.81 2.34 -6.92
N TYR B 63 -5.08 2.72 -7.02
CA TYR B 63 -5.69 3.14 -8.27
C TYR B 63 -6.25 4.55 -8.25
N ALA B 64 -6.84 4.99 -7.14
CA ALA B 64 -7.50 6.27 -7.09
C ALA B 64 -7.07 7.05 -5.84
N MET B 65 -7.03 8.37 -5.99
CA MET B 65 -6.70 9.27 -4.89
C MET B 65 -7.33 10.62 -5.18
N HIS B 66 -7.91 11.24 -4.15
CA HIS B 66 -8.60 12.52 -4.30
C HIS B 66 -8.23 13.43 -3.14
N TRP B 67 -7.92 14.68 -3.45
CA TRP B 67 -7.59 15.67 -2.43
C TRP B 67 -8.86 16.21 -1.78
N GLY B 68 -8.73 16.62 -0.52
CA GLY B 68 -9.81 17.30 0.16
C GLY B 68 -9.89 18.77 -0.22
N THR B 69 -11.03 19.39 0.11
CA THR B 69 -11.20 20.80 -0.19
C THR B 69 -10.24 21.67 0.61
N ASP B 70 -9.88 21.24 1.82
CA ASP B 70 -8.96 22.02 2.64
C ASP B 70 -7.53 21.99 2.11
N SER B 71 -7.25 21.15 1.10
CA SER B 71 -5.94 21.01 0.48
C SER B 71 -4.93 20.32 1.40
N ARG B 72 -5.38 19.75 2.52
CA ARG B 72 -4.51 19.03 3.44
C ARG B 72 -4.86 17.55 3.52
N LEU B 73 -6.14 17.23 3.71
CA LEU B 73 -6.57 15.84 3.77
C LEU B 73 -6.78 15.29 2.37
N LEU B 74 -6.31 14.06 2.15
CA LEU B 74 -6.50 13.35 0.90
C LEU B 74 -6.88 11.91 1.19
N VAL B 75 -7.63 11.30 0.28
CA VAL B 75 -8.10 9.92 0.44
C VAL B 75 -7.41 9.05 -0.61
N SER B 76 -6.90 7.90 -0.18
CA SER B 76 -6.21 6.97 -1.04
C SER B 76 -6.92 5.62 -1.01
N ALA B 77 -7.08 5.00 -2.17
CA ALA B 77 -7.76 3.72 -2.31
C ALA B 77 -6.79 2.70 -2.89
N SER B 78 -6.77 1.50 -2.30
CA SER B 78 -5.88 0.43 -2.72
C SER B 78 -6.66 -0.88 -2.77
N GLN B 79 -6.17 -1.80 -3.60
CA GLN B 79 -6.83 -3.10 -3.75
C GLN B 79 -6.68 -3.98 -2.51
N ASP B 80 -5.83 -3.58 -1.55
CA ASP B 80 -5.65 -4.36 -0.33
C ASP B 80 -6.87 -4.35 0.58
N GLY B 81 -7.96 -3.67 0.19
CA GLY B 81 -9.15 -3.60 1.01
C GLY B 81 -9.11 -2.54 2.09
N LYS B 82 -8.15 -1.61 2.02
CA LYS B 82 -8.01 -0.55 3.02
C LYS B 82 -8.03 0.80 2.32
N LEU B 83 -8.84 1.71 2.84
CA LEU B 83 -8.89 3.10 2.39
C LEU B 83 -8.26 3.97 3.47
N ILE B 84 -7.22 4.71 3.11
CA ILE B 84 -6.44 5.50 4.06
C ILE B 84 -6.60 6.97 3.71
N ILE B 85 -7.01 7.76 4.69
CA ILE B 85 -7.06 9.22 4.57
C ILE B 85 -5.78 9.77 5.19
N TRP B 86 -5.05 10.58 4.44
CA TRP B 86 -3.73 11.04 4.84
C TRP B 86 -3.75 12.52 5.19
N ASP B 87 -2.99 12.87 6.22
CA ASP B 87 -2.72 14.27 6.56
C ASP B 87 -1.45 14.68 5.82
N SER B 88 -1.61 15.51 4.78
CA SER B 88 -0.50 15.81 3.89
C SER B 88 0.66 16.44 4.65
N TYR B 89 0.37 17.43 5.51
CA TYR B 89 1.43 18.14 6.19
C TYR B 89 2.20 17.23 7.15
N THR B 90 1.47 16.52 8.01
CA THR B 90 2.10 15.69 9.03
C THR B 90 2.24 14.22 8.63
N THR B 91 1.72 13.84 7.46
CA THR B 91 1.80 12.46 6.96
C THR B 91 1.13 11.46 7.89
N ASN B 92 0.15 11.91 8.69
CA ASN B 92 -0.53 11.03 9.62
C ASN B 92 -1.76 10.41 8.99
N LYS B 93 -2.00 9.14 9.30
CA LYS B 93 -3.19 8.42 8.85
C LYS B 93 -4.35 8.80 9.77
N VAL B 94 -5.16 9.77 9.35
CA VAL B 94 -6.26 10.23 10.20
C VAL B 94 -7.29 9.13 10.38
N HIS B 95 -7.59 8.39 9.32
CA HIS B 95 -8.61 7.35 9.37
C HIS B 95 -8.22 6.20 8.45
N ALA B 96 -8.63 5.00 8.83
CA ALA B 96 -8.47 3.80 8.02
C ALA B 96 -9.83 3.14 7.88
N ILE B 97 -10.26 2.93 6.65
CA ILE B 97 -11.60 2.40 6.36
C ILE B 97 -11.46 1.00 5.75
N PRO B 98 -11.80 -0.07 6.48
CA PRO B 98 -11.74 -1.42 5.89
C PRO B 98 -12.91 -1.65 4.94
N LEU B 99 -12.62 -1.66 3.65
CA LEU B 99 -13.66 -1.86 2.64
C LEU B 99 -14.12 -3.32 2.64
N ARG B 100 -15.44 -3.52 2.58
CA ARG B 100 -15.97 -4.87 2.46
C ARG B 100 -15.53 -5.51 1.16
N SER B 101 -15.53 -4.74 0.07
CA SER B 101 -15.06 -5.21 -1.22
C SER B 101 -13.58 -4.87 -1.35
N SER B 102 -12.77 -5.86 -1.73
CA SER B 102 -11.33 -5.70 -1.86
C SER B 102 -10.90 -5.46 -3.30
N TRP B 103 -11.74 -4.82 -4.11
CA TRP B 103 -11.45 -4.53 -5.51
C TRP B 103 -11.80 -3.10 -5.85
N VAL B 104 -11.50 -2.18 -4.92
CA VAL B 104 -11.82 -0.77 -5.14
C VAL B 104 -10.98 -0.22 -6.28
N MET B 105 -11.62 0.58 -7.14
CA MET B 105 -10.93 1.24 -8.24
C MET B 105 -11.14 2.75 -8.27
N THR B 106 -12.04 3.29 -7.44
CA THR B 106 -12.26 4.73 -7.41
C THR B 106 -12.57 5.16 -5.98
N CYS B 107 -12.26 6.41 -5.67
CA CYS B 107 -12.57 6.99 -4.38
C CYS B 107 -12.77 8.49 -4.55
N ALA B 108 -13.50 9.09 -3.61
CA ALA B 108 -13.78 10.51 -3.65
C ALA B 108 -13.88 11.06 -2.23
N TYR B 109 -13.65 12.35 -2.09
CA TYR B 109 -13.76 13.07 -0.83
C TYR B 109 -14.85 14.12 -0.95
N ALA B 110 -15.80 14.11 -0.04
CA ALA B 110 -16.91 15.06 -0.11
C ALA B 110 -16.36 16.48 0.05
N PRO B 111 -16.92 17.47 -0.65
CA PRO B 111 -16.41 18.84 -0.48
C PRO B 111 -16.43 19.32 0.96
N SER B 112 -17.48 18.97 1.72
CA SER B 112 -17.55 19.32 3.13
C SER B 112 -16.58 18.49 3.97
N GLY B 113 -16.07 17.39 3.43
CA GLY B 113 -15.19 16.53 4.18
C GLY B 113 -15.88 15.59 5.13
N ASN B 114 -17.20 15.45 5.04
CA ASN B 114 -17.94 14.61 5.97
C ASN B 114 -18.15 13.19 5.45
N TYR B 115 -18.16 13.00 4.12
CA TYR B 115 -18.44 11.72 3.52
C TYR B 115 -17.34 11.32 2.54
N VAL B 116 -17.11 10.02 2.42
CA VAL B 116 -16.13 9.45 1.51
C VAL B 116 -16.80 8.31 0.74
N ALA B 117 -16.59 8.27 -0.57
CA ALA B 117 -17.17 7.25 -1.43
C ALA B 117 -16.06 6.34 -1.96
N CYS B 118 -16.37 5.06 -2.09
CA CYS B 118 -15.43 4.06 -2.56
C CYS B 118 -16.14 3.08 -3.47
N GLY B 119 -15.56 2.80 -4.63
CA GLY B 119 -16.15 1.87 -5.58
C GLY B 119 -15.09 1.17 -6.39
N GLY B 120 -15.51 0.09 -7.05
CA GLY B 120 -14.60 -0.71 -7.84
C GLY B 120 -15.29 -1.78 -8.65
N LEU B 121 -14.72 -3.00 -8.66
CA LEU B 121 -15.31 -4.08 -9.43
C LEU B 121 -16.72 -4.39 -8.96
N ASP B 122 -16.93 -4.42 -7.64
CA ASP B 122 -18.27 -4.56 -7.10
C ASP B 122 -19.13 -3.40 -7.57
N ASN B 123 -20.38 -3.71 -7.94
CA ASN B 123 -21.26 -2.71 -8.52
C ASN B 123 -21.88 -1.82 -7.45
N ILE B 124 -21.04 -1.20 -6.62
CA ILE B 124 -21.51 -0.36 -5.52
C ILE B 124 -20.45 0.71 -5.26
N CYS B 125 -20.90 1.95 -5.06
CA CYS B 125 -20.03 3.02 -4.55
C CYS B 125 -20.53 3.36 -3.15
N SER B 126 -20.02 2.63 -2.16
CA SER B 126 -20.47 2.79 -0.78
C SER B 126 -20.09 4.17 -0.27
N ILE B 127 -21.02 4.81 0.42
CA ILE B 127 -20.79 6.13 1.02
C ILE B 127 -20.41 5.93 2.48
N TYR B 128 -19.27 6.49 2.86
CA TYR B 128 -18.74 6.36 4.21
C TYR B 128 -18.82 7.72 4.89
N ASN B 129 -19.42 7.76 6.08
CA ASN B 129 -19.59 8.98 6.84
C ASN B 129 -18.47 9.10 7.87
N LEU B 130 -17.59 10.10 7.69
CA LEU B 130 -16.47 10.27 8.60
C LEU B 130 -16.90 10.91 9.92
N LYS B 131 -17.86 11.82 9.89
CA LYS B 131 -18.29 12.55 11.08
C LYS B 131 -19.42 11.76 11.74
N THR B 132 -19.09 11.06 12.83
CA THR B 132 -20.07 10.29 13.59
C THR B 132 -19.81 10.49 15.07
N ARG B 133 -20.89 10.45 15.86
CA ARG B 133 -20.74 10.61 17.30
C ARG B 133 -19.98 9.44 17.92
N GLU B 134 -20.09 8.26 17.34
CA GLU B 134 -19.41 7.07 17.84
C GLU B 134 -17.95 6.99 17.37
N GLY B 135 -17.52 7.90 16.51
CA GLY B 135 -16.11 7.97 16.14
C GLY B 135 -15.59 6.78 15.37
N ASN B 136 -16.36 6.30 14.39
CA ASN B 136 -15.88 5.26 13.49
C ASN B 136 -16.49 5.51 12.12
N VAL B 137 -15.80 5.01 11.09
CA VAL B 137 -16.24 5.17 9.72
C VAL B 137 -17.18 4.01 9.40
N ARG B 138 -18.48 4.27 9.39
CA ARG B 138 -19.49 3.25 9.14
C ARG B 138 -20.18 3.54 7.81
N VAL B 139 -20.53 2.47 7.09
CA VAL B 139 -21.17 2.62 5.80
C VAL B 139 -22.52 3.32 5.98
N SER B 140 -22.69 4.46 5.31
CA SER B 140 -23.94 5.20 5.38
C SER B 140 -24.96 4.69 4.37
N ARG B 141 -24.59 4.67 3.09
CA ARG B 141 -25.47 4.18 2.04
C ARG B 141 -24.65 3.43 1.01
N GLU B 142 -25.26 2.40 0.44
CA GLU B 142 -24.63 1.58 -0.60
C GLU B 142 -25.39 1.80 -1.90
N LEU B 143 -24.74 2.46 -2.86
CA LEU B 143 -25.39 2.84 -4.12
C LEU B 143 -25.27 1.69 -5.13
N ALA B 144 -26.00 0.62 -4.82
CA ALA B 144 -26.06 -0.54 -5.70
C ALA B 144 -27.09 -0.27 -6.81
N GLY B 145 -26.90 -0.93 -7.95
CA GLY B 145 -27.80 -0.76 -9.07
C GLY B 145 -27.10 -0.80 -10.42
N HIS B 146 -25.78 -0.60 -10.42
CA HIS B 146 -25.02 -0.69 -11.66
C HIS B 146 -24.86 -2.14 -12.08
N THR B 147 -24.87 -2.36 -13.40
CA THR B 147 -24.71 -3.70 -13.95
C THR B 147 -23.25 -4.06 -14.21
N GLY B 148 -22.33 -3.12 -13.98
CA GLY B 148 -20.92 -3.38 -14.18
C GLY B 148 -20.08 -2.68 -13.13
N TYR B 149 -18.77 -2.85 -13.24
CA TYR B 149 -17.85 -2.25 -12.27
C TYR B 149 -17.94 -0.73 -12.35
N LEU B 150 -17.81 -0.10 -11.19
CA LEU B 150 -17.82 1.36 -11.09
C LEU B 150 -16.44 1.91 -11.40
N SER B 151 -16.35 2.77 -12.41
CA SER B 151 -15.07 3.31 -12.82
C SER B 151 -14.70 4.57 -12.06
N CYS B 152 -15.68 5.41 -11.72
CA CYS B 152 -15.40 6.66 -11.02
C CYS B 152 -16.67 7.16 -10.35
N CYS B 153 -16.51 7.69 -9.14
CA CYS B 153 -17.60 8.32 -8.40
C CYS B 153 -17.13 9.67 -7.88
N ARG B 154 -17.91 10.71 -8.14
CA ARG B 154 -17.53 12.06 -7.76
C ARG B 154 -18.73 12.77 -7.14
N PHE B 155 -18.48 13.59 -6.12
CA PHE B 155 -19.54 14.28 -5.41
C PHE B 155 -19.81 15.64 -6.04
N LEU B 156 -21.04 15.83 -6.52
CA LEU B 156 -21.49 17.19 -6.83
C LEU B 156 -21.77 17.97 -5.56
N ASP B 157 -22.45 17.33 -4.60
CA ASP B 157 -22.71 17.91 -3.29
C ASP B 157 -22.52 16.81 -2.25
N ASP B 158 -22.77 17.17 -1.00
CA ASP B 158 -22.67 16.20 0.09
C ASP B 158 -23.78 15.15 0.04
N ASN B 159 -24.84 15.37 -0.75
CA ASN B 159 -25.95 14.44 -0.83
C ASN B 159 -26.13 13.85 -2.23
N GLN B 160 -25.53 14.44 -3.25
CA GLN B 160 -25.64 13.97 -4.63
C GLN B 160 -24.25 13.57 -5.12
N ILE B 161 -24.12 12.35 -5.62
CA ILE B 161 -22.86 11.82 -6.14
C ILE B 161 -23.11 11.24 -7.51
N VAL B 162 -22.24 11.57 -8.46
CA VAL B 162 -22.31 11.06 -9.82
C VAL B 162 -21.34 9.89 -9.94
N THR B 163 -21.77 8.83 -10.63
CA THR B 163 -21.02 7.59 -10.72
C THR B 163 -20.79 7.21 -12.17
N SER B 164 -19.63 6.61 -12.44
CA SER B 164 -19.29 6.06 -13.74
C SER B 164 -19.01 4.57 -13.58
N SER B 165 -19.56 3.78 -14.50
CA SER B 165 -19.48 2.33 -14.40
C SER B 165 -19.19 1.71 -15.75
N GLY B 166 -18.60 0.51 -15.72
CA GLY B 166 -18.21 -0.16 -16.95
C GLY B 166 -19.41 -0.61 -17.78
N ASP B 167 -20.62 -0.48 -17.25
CA ASP B 167 -21.81 -0.84 -17.98
C ASP B 167 -22.22 0.26 -18.97
N THR B 168 -21.31 1.20 -19.24
CA THR B 168 -21.50 2.21 -20.27
C THR B 168 -22.50 3.29 -19.83
N THR B 169 -22.93 3.25 -18.58
CA THR B 169 -23.89 4.21 -18.07
C THR B 169 -23.35 4.94 -16.85
N CYS B 170 -23.53 6.26 -16.84
CA CYS B 170 -23.28 7.09 -15.67
C CYS B 170 -24.60 7.40 -14.98
N ALA B 171 -24.54 7.50 -13.65
CA ALA B 171 -25.75 7.65 -12.86
C ALA B 171 -25.58 8.77 -11.85
N LEU B 172 -26.66 9.53 -11.64
CA LEU B 172 -26.73 10.52 -10.57
C LEU B 172 -27.53 9.94 -9.42
N TRP B 173 -26.93 9.94 -8.24
CA TRP B 173 -27.49 9.28 -7.07
C TRP B 173 -27.88 10.31 -6.02
N ASP B 174 -29.12 10.24 -5.53
CA ASP B 174 -29.51 10.93 -4.31
C ASP B 174 -29.18 10.01 -3.15
N ILE B 175 -28.12 10.34 -2.40
CA ILE B 175 -27.61 9.42 -1.39
C ILE B 175 -28.68 9.10 -0.37
N GLU B 176 -29.48 10.10 0.03
CA GLU B 176 -30.54 9.85 0.99
C GLU B 176 -31.55 8.84 0.46
N THR B 177 -31.93 8.96 -0.82
CA THR B 177 -32.88 8.03 -1.41
C THR B 177 -32.24 6.69 -1.73
N GLY B 178 -30.95 6.68 -2.08
CA GLY B 178 -30.30 5.44 -2.46
C GLY B 178 -30.69 4.90 -3.82
N GLN B 179 -31.18 5.76 -4.71
CA GLN B 179 -31.61 5.35 -6.04
C GLN B 179 -31.06 6.33 -7.07
N GLN B 180 -30.95 5.86 -8.31
CA GLN B 180 -30.44 6.69 -9.39
C GLN B 180 -31.45 7.79 -9.71
N THR B 181 -31.07 9.04 -9.46
CA THR B 181 -31.91 10.17 -9.86
C THR B 181 -31.93 10.33 -11.37
N THR B 182 -30.81 10.08 -12.04
CA THR B 182 -30.72 10.22 -13.48
C THR B 182 -29.69 9.24 -13.99
N THR B 183 -29.96 8.68 -15.17
CA THR B 183 -29.07 7.73 -15.82
C THR B 183 -28.65 8.29 -17.18
N PHE B 184 -27.35 8.28 -17.44
CA PHE B 184 -26.78 8.75 -18.69
C PHE B 184 -26.35 7.53 -19.50
N THR B 185 -26.94 7.37 -20.69
CA THR B 185 -26.75 6.17 -21.49
C THR B 185 -26.25 6.45 -22.90
N GLY B 186 -25.85 7.67 -23.22
CA GLY B 186 -25.40 7.99 -24.56
C GLY B 186 -24.10 7.35 -25.00
N HIS B 187 -23.32 6.84 -24.05
CA HIS B 187 -22.03 6.22 -24.38
C HIS B 187 -22.25 4.83 -24.96
N THR B 188 -21.68 4.58 -26.13
CA THR B 188 -21.69 3.25 -26.72
C THR B 188 -20.43 2.49 -26.31
N GLY B 189 -20.14 2.47 -25.02
CA GLY B 189 -18.96 1.81 -24.51
C GLY B 189 -18.75 2.08 -23.04
N ASP B 190 -17.86 1.33 -22.40
CA ASP B 190 -17.63 1.51 -20.97
C ASP B 190 -17.06 2.89 -20.69
N VAL B 191 -17.54 3.50 -19.60
CA VAL B 191 -17.08 4.82 -19.17
C VAL B 191 -16.04 4.64 -18.08
N MET B 192 -14.87 5.27 -18.27
CA MET B 192 -13.72 5.05 -17.39
C MET B 192 -13.55 6.13 -16.34
N SER B 193 -13.82 7.39 -16.69
CA SER B 193 -13.51 8.49 -15.77
C SER B 193 -14.64 9.50 -15.80
N LEU B 194 -14.70 10.32 -14.75
CA LEU B 194 -15.74 11.34 -14.61
C LEU B 194 -15.13 12.56 -13.95
N SER B 195 -15.52 13.74 -14.44
CA SER B 195 -15.01 15.01 -13.92
C SER B 195 -16.16 15.99 -13.79
N LEU B 196 -16.10 16.84 -12.78
CA LEU B 196 -17.17 17.79 -12.47
C LEU B 196 -16.71 19.21 -12.74
N ALA B 197 -17.63 20.03 -13.25
CA ALA B 197 -17.32 21.43 -13.49
C ALA B 197 -17.30 22.20 -12.17
N PRO B 198 -16.64 23.37 -12.15
CA PRO B 198 -16.59 24.14 -10.89
C PRO B 198 -17.95 24.47 -10.32
N ASP B 199 -18.93 24.77 -11.17
CA ASP B 199 -20.26 25.12 -10.69
C ASP B 199 -21.12 23.91 -10.36
N THR B 200 -20.67 22.70 -10.71
CA THR B 200 -21.36 21.44 -10.45
C THR B 200 -22.63 21.29 -11.28
N ARG B 201 -22.93 22.22 -12.18
CA ARG B 201 -24.15 22.10 -12.99
C ARG B 201 -23.98 21.05 -14.08
N LEU B 202 -22.76 20.86 -14.58
CA LEU B 202 -22.50 19.92 -15.66
C LEU B 202 -21.23 19.14 -15.36
N PHE B 203 -21.15 17.95 -15.93
CA PHE B 203 -19.99 17.07 -15.77
C PHE B 203 -19.71 16.38 -17.10
N VAL B 204 -18.51 15.81 -17.21
CA VAL B 204 -18.07 15.12 -18.41
C VAL B 204 -17.57 13.73 -18.02
N SER B 205 -17.58 12.82 -19.00
CA SER B 205 -17.16 11.44 -18.79
C SER B 205 -16.37 10.97 -20.00
N GLY B 206 -15.47 10.03 -19.75
CA GLY B 206 -14.69 9.42 -20.82
C GLY B 206 -15.01 7.94 -20.90
N ALA B 207 -14.92 7.40 -22.11
CA ALA B 207 -15.34 6.03 -22.36
C ALA B 207 -14.31 5.30 -23.22
N CYS B 208 -14.39 3.97 -23.17
CA CYS B 208 -13.51 3.13 -23.98
C CYS B 208 -13.82 3.26 -25.48
N ASP B 209 -14.94 3.89 -25.83
CA ASP B 209 -15.27 4.16 -27.23
C ASP B 209 -14.41 5.26 -27.83
N ALA B 210 -13.40 5.74 -27.09
CA ALA B 210 -12.50 6.79 -27.58
C ALA B 210 -13.25 8.09 -27.80
N SER B 211 -14.13 8.43 -26.85
CA SER B 211 -14.92 9.64 -26.95
C SER B 211 -15.28 10.12 -25.55
N ALA B 212 -15.59 11.41 -25.45
CA ALA B 212 -16.07 12.04 -24.22
C ALA B 212 -17.31 12.85 -24.53
N LYS B 213 -18.26 12.82 -23.58
CA LYS B 213 -19.56 13.45 -23.78
C LYS B 213 -19.83 14.42 -22.63
N LEU B 214 -20.42 15.57 -22.97
CA LEU B 214 -20.77 16.59 -21.99
C LEU B 214 -22.16 16.25 -21.43
N TRP B 215 -22.25 16.12 -20.11
CA TRP B 215 -23.48 15.74 -19.44
C TRP B 215 -23.96 16.89 -18.56
N ASP B 216 -25.24 17.24 -18.69
CA ASP B 216 -25.86 18.21 -17.80
C ASP B 216 -26.53 17.48 -16.64
N VAL B 217 -26.24 17.92 -15.42
CA VAL B 217 -26.62 17.15 -14.24
C VAL B 217 -28.14 17.07 -14.08
N ARG B 218 -28.81 18.22 -14.09
CA ARG B 218 -30.22 18.27 -13.70
C ARG B 218 -31.18 17.90 -14.83
N GLU B 219 -30.94 18.35 -16.05
CA GLU B 219 -31.81 17.94 -17.15
C GLU B 219 -31.48 16.53 -17.63
N GLY B 220 -30.31 16.01 -17.26
CA GLY B 220 -29.96 14.64 -17.55
C GLY B 220 -29.81 14.30 -19.01
N MET B 221 -29.12 15.12 -19.80
CA MET B 221 -28.96 14.87 -21.22
C MET B 221 -27.55 15.26 -21.67
N CYS B 222 -27.20 14.80 -22.87
CA CYS B 222 -25.89 15.06 -23.45
C CYS B 222 -25.94 16.37 -24.23
N ARG B 223 -24.95 17.23 -24.01
CA ARG B 223 -24.87 18.49 -24.75
C ARG B 223 -23.87 18.43 -25.89
N GLN B 224 -22.74 17.76 -25.70
CA GLN B 224 -21.71 17.67 -26.73
C GLN B 224 -20.96 16.36 -26.61
N THR B 225 -20.34 15.96 -27.72
CA THR B 225 -19.54 14.74 -27.78
C THR B 225 -18.22 15.04 -28.47
N PHE B 226 -17.14 14.49 -27.92
CA PHE B 226 -15.80 14.67 -28.47
C PHE B 226 -15.19 13.30 -28.76
N THR B 227 -14.52 13.19 -29.91
CA THR B 227 -13.98 11.90 -30.34
C THR B 227 -12.55 12.00 -30.86
N GLY B 228 -11.72 12.88 -30.30
CA GLY B 228 -10.37 13.02 -30.80
C GLY B 228 -9.50 11.81 -30.55
N HIS B 229 -9.66 11.16 -29.40
CA HIS B 229 -8.76 10.08 -29.02
C HIS B 229 -8.91 8.88 -29.95
N GLU B 230 -7.79 8.20 -30.19
CA GLU B 230 -7.80 7.00 -31.02
C GLU B 230 -8.19 5.75 -30.24
N SER B 231 -8.02 5.75 -28.92
CA SER B 231 -8.25 4.56 -28.11
C SER B 231 -9.02 4.97 -26.85
N ASP B 232 -9.12 4.03 -25.91
CA ASP B 232 -9.94 4.23 -24.72
C ASP B 232 -9.43 5.41 -23.89
N ILE B 233 -10.36 6.24 -23.44
CA ILE B 233 -10.03 7.36 -22.57
C ILE B 233 -9.97 6.85 -21.13
N ASN B 234 -8.84 7.09 -20.47
CA ASN B 234 -8.61 6.59 -19.12
C ASN B 234 -8.93 7.61 -18.03
N ALA B 235 -8.58 8.88 -18.22
CA ALA B 235 -8.80 9.89 -17.20
C ALA B 235 -9.16 11.21 -17.86
N ILE B 236 -9.93 12.02 -17.14
CA ILE B 236 -10.37 13.32 -17.62
C ILE B 236 -10.38 14.29 -16.44
N CYS B 237 -10.20 15.57 -16.74
CA CYS B 237 -10.20 16.60 -15.70
C CYS B 237 -10.70 17.91 -16.30
N PHE B 238 -11.52 18.63 -15.54
CA PHE B 238 -12.05 19.90 -16.01
C PHE B 238 -11.03 21.01 -15.84
N PHE B 239 -10.95 21.88 -16.85
CA PHE B 239 -10.11 23.06 -16.74
C PHE B 239 -10.65 23.98 -15.63
N PRO B 240 -9.76 24.64 -14.88
CA PRO B 240 -10.24 25.46 -13.75
C PRO B 240 -11.29 26.48 -14.13
N ASN B 241 -11.18 27.11 -15.31
CA ASN B 241 -12.18 28.07 -15.74
C ASN B 241 -13.55 27.43 -15.97
N GLY B 242 -13.61 26.12 -16.17
CA GLY B 242 -14.86 25.42 -16.37
C GLY B 242 -15.36 25.38 -17.80
N ASN B 243 -14.68 26.04 -18.73
CA ASN B 243 -15.07 26.05 -20.13
C ASN B 243 -14.32 25.04 -20.98
N ALA B 244 -13.47 24.21 -20.36
CA ALA B 244 -12.70 23.22 -21.10
C ALA B 244 -12.31 22.10 -20.14
N PHE B 245 -11.91 20.96 -20.72
CA PHE B 245 -11.48 19.82 -19.94
C PHE B 245 -10.50 19.00 -20.77
N ALA B 246 -9.53 18.39 -20.08
CA ALA B 246 -8.52 17.57 -20.70
C ALA B 246 -8.82 16.10 -20.46
N THR B 247 -8.39 15.24 -21.38
CA THR B 247 -8.66 13.82 -21.32
C THR B 247 -7.40 13.04 -21.67
N GLY B 248 -7.21 11.91 -20.99
CA GLY B 248 -6.08 11.02 -21.27
C GLY B 248 -6.57 9.67 -21.74
N SER B 249 -5.80 9.06 -22.63
CA SER B 249 -6.20 7.80 -23.25
C SER B 249 -5.00 6.87 -23.34
N ASP B 250 -5.20 5.72 -24.00
CA ASP B 250 -4.14 4.76 -24.23
C ASP B 250 -3.31 5.17 -25.44
N ASP B 251 -3.71 6.26 -26.11
CA ASP B 251 -2.97 6.74 -27.27
C ASP B 251 -1.62 7.34 -26.90
N ALA B 252 -1.35 7.52 -25.61
CA ALA B 252 -0.14 8.20 -25.13
C ALA B 252 -0.20 9.69 -25.43
N THR B 253 -1.41 10.22 -25.60
CA THR B 253 -1.61 11.62 -25.92
C THR B 253 -2.72 12.19 -25.05
N CYS B 254 -2.52 13.40 -24.55
CA CYS B 254 -3.55 14.13 -23.84
C CYS B 254 -4.13 15.21 -24.75
N ARG B 255 -5.45 15.39 -24.67
CA ARG B 255 -6.17 16.27 -25.57
C ARG B 255 -7.02 17.23 -24.77
N LEU B 256 -7.13 18.46 -25.27
CA LEU B 256 -7.89 19.52 -24.63
C LEU B 256 -9.12 19.84 -25.46
N PHE B 257 -10.29 19.79 -24.84
CA PHE B 257 -11.56 20.09 -25.50
C PHE B 257 -12.17 21.33 -24.89
N ASP B 258 -12.67 22.23 -25.74
CA ASP B 258 -13.35 23.44 -25.32
C ASP B 258 -14.85 23.26 -25.55
N LEU B 259 -15.63 23.45 -24.48
CA LEU B 259 -17.08 23.23 -24.58
C LEU B 259 -17.72 24.17 -25.58
N ARG B 260 -17.33 25.45 -25.55
CA ARG B 260 -17.93 26.43 -26.44
C ARG B 260 -17.46 26.31 -27.88
N ALA B 261 -16.37 25.59 -28.14
CA ALA B 261 -15.87 25.38 -29.49
C ALA B 261 -16.28 24.03 -30.07
N ASP B 262 -16.64 23.06 -29.22
CA ASP B 262 -17.07 21.74 -29.68
C ASP B 262 -15.95 21.00 -30.39
N GLN B 263 -14.73 21.54 -30.36
CA GLN B 263 -13.62 20.99 -31.11
C GLN B 263 -12.38 20.90 -30.22
N GLU B 264 -11.57 19.88 -30.47
CA GLU B 264 -10.26 19.77 -29.83
C GLU B 264 -9.36 20.90 -30.30
N LEU B 265 -8.64 21.51 -29.37
CA LEU B 265 -7.78 22.65 -29.69
C LEU B 265 -6.31 22.29 -29.76
N MET B 266 -5.84 21.31 -28.99
CA MET B 266 -4.43 20.97 -29.01
C MET B 266 -4.24 19.55 -28.48
N THR B 267 -3.12 18.95 -28.84
CA THR B 267 -2.73 17.62 -28.40
C THR B 267 -1.42 17.70 -27.65
N TYR B 268 -1.33 16.97 -26.53
CA TYR B 268 -0.13 16.92 -25.70
C TYR B 268 0.44 15.51 -25.81
N SER B 269 1.46 15.35 -26.66
CA SER B 269 2.07 14.06 -26.89
C SER B 269 3.52 14.26 -27.28
N HIS B 270 4.30 13.19 -27.13
CA HIS B 270 5.72 13.20 -27.49
C HIS B 270 6.05 11.92 -28.23
N ASP B 271 7.07 11.99 -29.09
CA ASP B 271 7.44 10.83 -29.89
C ASP B 271 8.01 9.70 -29.04
N ASN B 272 8.67 10.04 -27.93
CA ASN B 272 9.31 9.05 -27.08
C ASN B 272 8.35 8.39 -26.10
N ILE B 273 7.08 8.80 -26.09
CA ILE B 273 6.07 8.22 -25.21
C ILE B 273 5.18 7.32 -26.03
N ILE B 274 5.07 6.06 -25.63
CA ILE B 274 4.25 5.09 -26.34
C ILE B 274 3.20 4.44 -25.45
N CYS B 275 3.37 4.39 -24.14
CA CYS B 275 2.40 3.76 -23.26
C CYS B 275 1.21 4.70 -23.03
N GLY B 276 0.14 4.14 -22.45
CA GLY B 276 -1.06 4.90 -22.23
C GLY B 276 -0.91 5.88 -21.09
N ILE B 277 -1.91 6.77 -20.97
CA ILE B 277 -1.96 7.78 -19.93
C ILE B 277 -2.99 7.36 -18.89
N THR B 278 -2.61 7.41 -17.61
CA THR B 278 -3.46 6.91 -16.54
C THR B 278 -4.12 7.99 -15.71
N SER B 279 -3.59 9.22 -15.71
CA SER B 279 -4.14 10.28 -14.87
C SER B 279 -4.00 11.61 -15.59
N VAL B 280 -4.87 12.55 -15.22
CA VAL B 280 -4.86 13.91 -15.76
C VAL B 280 -5.36 14.86 -14.69
N SER B 281 -4.71 16.02 -14.60
CA SER B 281 -5.10 17.05 -13.65
C SER B 281 -4.57 18.40 -14.12
N PHE B 282 -5.17 19.46 -13.58
CA PHE B 282 -4.78 20.83 -13.89
C PHE B 282 -4.32 21.54 -12.63
N SER B 283 -3.43 22.51 -12.81
CA SER B 283 -3.03 23.37 -11.71
C SER B 283 -4.09 24.44 -11.48
N LYS B 284 -3.91 25.20 -10.39
CA LYS B 284 -4.90 26.21 -10.05
C LYS B 284 -5.05 27.26 -11.14
N SER B 285 -3.93 27.71 -11.71
CA SER B 285 -3.95 28.67 -12.81
C SER B 285 -4.33 28.03 -14.15
N GLY B 286 -4.27 26.70 -14.25
CA GLY B 286 -4.56 26.02 -15.48
C GLY B 286 -3.44 25.99 -16.49
N ARG B 287 -2.28 26.56 -16.16
CA ARG B 287 -1.16 26.58 -17.10
C ARG B 287 -0.47 25.22 -17.19
N LEU B 288 -0.54 24.43 -16.12
CA LEU B 288 0.16 23.15 -16.04
C LEU B 288 -0.84 22.02 -16.19
N LEU B 289 -0.49 21.03 -17.01
CA LEU B 289 -1.30 19.83 -17.20
C LEU B 289 -0.54 18.64 -16.63
N LEU B 290 -0.99 18.15 -15.47
CA LEU B 290 -0.34 17.04 -14.78
C LEU B 290 -0.93 15.75 -15.32
N ALA B 291 -0.18 15.06 -16.16
CA ALA B 291 -0.63 13.83 -16.81
C ALA B 291 0.17 12.66 -16.26
N GLY B 292 -0.52 11.65 -15.75
CA GLY B 292 0.12 10.43 -15.28
C GLY B 292 0.22 9.43 -16.40
N TYR B 293 1.42 8.92 -16.63
CA TYR B 293 1.71 8.01 -17.72
C TYR B 293 2.00 6.62 -17.16
N ASP B 294 1.74 5.60 -17.99
CA ASP B 294 1.91 4.23 -17.54
C ASP B 294 3.37 3.88 -17.33
N ASP B 295 4.30 4.65 -17.92
CA ASP B 295 5.72 4.37 -17.77
C ASP B 295 6.31 4.94 -16.49
N PHE B 296 5.70 4.65 -15.35
CA PHE B 296 6.25 4.93 -14.02
C PHE B 296 6.61 6.40 -13.83
N ASN B 297 6.05 7.30 -14.62
CA ASN B 297 6.45 8.69 -14.60
C ASN B 297 5.24 9.59 -14.84
N CYS B 298 5.34 10.83 -14.35
CA CYS B 298 4.35 11.86 -14.62
C CYS B 298 5.03 13.03 -15.31
N ASN B 299 4.46 13.46 -16.44
CA ASN B 299 5.01 14.54 -17.24
C ASN B 299 4.14 15.78 -17.10
N VAL B 300 4.77 16.92 -16.87
CA VAL B 300 4.10 18.20 -16.75
C VAL B 300 4.11 18.87 -18.12
N TRP B 301 2.93 19.23 -18.62
CA TRP B 301 2.77 19.80 -19.95
C TRP B 301 2.32 21.25 -19.84
N ASP B 302 2.92 22.11 -20.66
CA ASP B 302 2.49 23.50 -20.77
C ASP B 302 1.15 23.54 -21.49
N ALA B 303 0.07 23.77 -20.74
CA ALA B 303 -1.27 23.69 -21.32
C ALA B 303 -1.46 24.67 -22.47
N LEU B 304 -0.75 25.80 -22.46
CA LEU B 304 -0.92 26.81 -23.51
C LEU B 304 0.01 26.56 -24.69
N LYS B 305 1.26 26.18 -24.43
CA LYS B 305 2.24 25.97 -25.50
C LYS B 305 2.46 24.49 -25.83
N ALA B 306 1.87 23.58 -25.06
CA ALA B 306 1.98 22.14 -25.31
C ALA B 306 3.45 21.71 -25.37
N ASP B 307 4.17 22.02 -24.30
CA ASP B 307 5.58 21.68 -24.17
C ASP B 307 5.82 21.05 -22.81
N ARG B 308 6.79 20.13 -22.75
CA ARG B 308 7.15 19.44 -21.52
C ARG B 308 8.02 20.36 -20.68
N ALA B 309 7.40 21.06 -19.74
CA ALA B 309 8.11 21.98 -18.86
C ALA B 309 8.71 21.30 -17.65
N GLY B 310 8.41 20.02 -17.43
CA GLY B 310 8.97 19.31 -16.29
C GLY B 310 8.55 17.86 -16.32
N VAL B 311 9.10 17.09 -15.38
CA VAL B 311 8.83 15.67 -15.27
C VAL B 311 9.00 15.25 -13.81
N LEU B 312 8.24 14.24 -13.41
CA LEU B 312 8.28 13.69 -12.06
C LEU B 312 8.71 12.23 -12.15
N ALA B 313 9.51 11.78 -11.18
CA ALA B 313 10.00 10.42 -11.17
C ALA B 313 10.00 9.85 -9.76
N GLY B 314 10.66 8.70 -9.57
CA GLY B 314 10.72 8.07 -8.27
C GLY B 314 9.67 7.02 -8.00
N HIS B 315 8.82 6.69 -8.98
CA HIS B 315 7.82 5.64 -8.83
C HIS B 315 8.34 4.36 -9.47
N ASP B 316 8.23 3.26 -8.74
CA ASP B 316 8.73 1.97 -9.21
C ASP B 316 7.72 1.16 -10.01
N ASN B 317 6.49 1.67 -10.15
CA ASN B 317 5.46 0.95 -10.90
C ASN B 317 4.57 1.97 -11.60
N ARG B 318 3.54 1.46 -12.27
CA ARG B 318 2.67 2.32 -13.08
C ARG B 318 2.02 3.40 -12.23
N VAL B 319 2.00 4.62 -12.76
CA VAL B 319 1.28 5.71 -12.12
C VAL B 319 -0.21 5.54 -12.39
N SER B 320 -1.02 5.61 -11.32
CA SER B 320 -2.46 5.37 -11.41
C SER B 320 -3.29 6.63 -11.25
N CYS B 321 -3.03 7.42 -10.21
CA CYS B 321 -3.86 8.57 -9.90
C CYS B 321 -2.99 9.72 -9.42
N LEU B 322 -3.41 10.95 -9.72
CA LEU B 322 -2.76 12.14 -9.22
C LEU B 322 -3.78 13.27 -9.15
N GLY B 323 -3.49 14.26 -8.33
CA GLY B 323 -4.39 15.39 -8.16
C GLY B 323 -3.71 16.60 -7.56
N VAL B 324 -4.05 17.79 -8.07
CA VAL B 324 -3.49 19.03 -7.55
C VAL B 324 -4.40 19.56 -6.45
N THR B 325 -3.78 20.13 -5.41
CA THR B 325 -4.55 20.71 -4.31
C THR B 325 -5.36 21.90 -4.80
N ASP B 326 -6.54 22.08 -4.19
CA ASP B 326 -7.35 23.26 -4.51
C ASP B 326 -6.58 24.55 -4.23
N ASP B 327 -5.73 24.54 -3.20
CA ASP B 327 -4.84 25.67 -2.97
C ASP B 327 -3.82 25.87 -4.09
N GLY B 328 -3.58 24.83 -4.89
CA GLY B 328 -2.65 24.95 -5.99
C GLY B 328 -1.19 25.00 -5.60
N MET B 329 -0.83 24.53 -4.41
CA MET B 329 0.54 24.66 -3.93
C MET B 329 1.30 23.34 -4.03
N ALA B 330 0.61 22.21 -4.12
CA ALA B 330 1.27 20.91 -4.21
C ALA B 330 0.39 19.95 -5.01
N VAL B 331 1.04 18.92 -5.57
CA VAL B 331 0.37 17.88 -6.33
C VAL B 331 0.80 16.52 -5.80
N ALA B 332 -0.18 15.66 -5.54
CA ALA B 332 0.08 14.29 -5.09
C ALA B 332 -0.12 13.32 -6.24
N THR B 333 0.67 12.26 -6.24
CA THR B 333 0.61 11.24 -7.29
C THR B 333 0.54 9.86 -6.66
N GLY B 334 -0.18 8.97 -7.34
CA GLY B 334 -0.34 7.59 -6.89
C GLY B 334 0.18 6.63 -7.93
N SER B 335 0.74 5.51 -7.47
CA SER B 335 1.35 4.54 -8.36
C SER B 335 1.08 3.13 -7.82
N TRP B 336 1.18 2.15 -8.72
CA TRP B 336 0.96 0.76 -8.34
C TRP B 336 2.05 0.24 -7.41
N ASP B 337 3.14 0.98 -7.22
CA ASP B 337 4.18 0.58 -6.29
C ASP B 337 3.73 0.70 -4.84
N SER B 338 2.54 1.26 -4.59
CA SER B 338 1.96 1.41 -3.25
C SER B 338 2.55 2.57 -2.48
N PHE B 339 3.18 3.53 -3.16
CA PHE B 339 3.75 4.71 -2.54
C PHE B 339 3.07 5.96 -3.11
N LEU B 340 2.65 6.85 -2.22
CA LEU B 340 2.07 8.14 -2.59
C LEU B 340 3.06 9.23 -2.24
N LYS B 341 3.45 10.02 -3.23
CA LYS B 341 4.43 11.08 -3.06
C LYS B 341 3.80 12.43 -3.43
N ILE B 342 4.03 13.43 -2.59
CA ILE B 342 3.50 14.77 -2.80
C ILE B 342 4.63 15.67 -3.26
N TRP B 343 4.40 16.39 -4.35
CA TRP B 343 5.42 17.24 -4.97
C TRP B 343 5.02 18.71 -4.84
N ASN B 344 5.99 19.55 -4.52
CA ASN B 344 5.76 20.98 -4.38
C ASN B 344 6.87 21.78 -5.05
N VAL C 1 -23.89 7.50 22.09
CA VAL C 1 -22.69 7.65 22.97
C VAL C 1 -23.13 7.83 24.42
N GLN C 2 -22.48 7.08 25.32
CA GLN C 2 -22.79 7.16 26.74
C GLN C 2 -21.59 6.66 27.54
N LEU C 3 -21.26 7.37 28.61
CA LEU C 3 -20.20 6.99 29.53
C LEU C 3 -20.74 7.05 30.94
N VAL C 4 -20.70 5.93 31.65
CA VAL C 4 -21.21 5.81 33.01
C VAL C 4 -20.05 5.46 33.92
N GLU C 5 -19.89 6.22 35.00
CA GLU C 5 -18.82 6.01 35.96
C GLU C 5 -19.34 5.25 37.17
N SER C 6 -18.41 4.64 37.91
CA SER C 6 -18.76 3.84 39.07
C SER C 6 -17.58 3.84 40.03
N GLY C 7 -17.85 3.42 41.27
CA GLY C 7 -16.83 3.35 42.31
C GLY C 7 -16.85 4.51 43.28
N GLY C 8 -17.77 5.46 43.15
CA GLY C 8 -17.83 6.56 44.07
C GLY C 8 -18.30 6.16 45.44
N GLY C 9 -17.91 6.95 46.43
CA GLY C 9 -18.31 6.69 47.80
C GLY C 9 -17.38 7.39 48.77
N LEU C 10 -17.65 7.17 50.05
CA LEU C 10 -16.85 7.76 51.12
C LEU C 10 -15.67 6.84 51.43
N VAL C 11 -14.46 7.40 51.40
CA VAL C 11 -13.24 6.67 51.67
C VAL C 11 -12.44 7.44 52.71
N GLN C 12 -12.01 6.75 53.77
CA GLN C 12 -11.22 7.38 54.80
C GLN C 12 -9.81 7.67 54.27
N PRO C 13 -9.10 8.62 54.89
CA PRO C 13 -7.75 8.95 54.42
C PRO C 13 -6.85 7.73 54.46
N GLY C 14 -6.00 7.61 53.44
CA GLY C 14 -5.08 6.50 53.32
C GLY C 14 -5.64 5.27 52.63
N GLY C 15 -6.94 5.25 52.33
CA GLY C 15 -7.53 4.12 51.66
C GLY C 15 -7.28 4.13 50.16
N SER C 16 -7.62 3.01 49.52
CA SER C 16 -7.48 2.86 48.08
C SER C 16 -8.82 2.45 47.49
N ARG C 17 -9.24 3.17 46.45
CA ARG C 17 -10.49 2.88 45.77
C ARG C 17 -10.27 3.02 44.27
N LYS C 18 -10.88 2.12 43.50
CA LYS C 18 -10.76 2.12 42.05
C LYS C 18 -12.06 2.63 41.43
N LEU C 19 -11.95 3.58 40.51
CA LEU C 19 -13.09 4.13 39.81
C LEU C 19 -13.14 3.56 38.39
N SER C 20 -14.29 3.01 38.02
CA SER C 20 -14.45 2.34 36.73
C SER C 20 -15.51 3.05 35.90
N CYS C 21 -15.23 3.20 34.61
CA CYS C 21 -16.14 3.82 33.66
C CYS C 21 -16.52 2.80 32.59
N SER C 22 -17.82 2.72 32.29
CA SER C 22 -18.35 1.78 31.32
C SER C 22 -18.71 2.55 30.05
N ALA C 23 -18.22 2.07 28.91
CA ALA C 23 -18.48 2.70 27.62
C ALA C 23 -19.56 1.93 26.87
N SER C 24 -20.43 2.68 26.18
CA SER C 24 -21.53 2.07 25.43
C SER C 24 -21.94 3.04 24.33
N GLY C 25 -21.89 2.58 23.09
CA GLY C 25 -22.31 3.38 21.96
C GLY C 25 -21.19 3.91 21.07
N PHE C 26 -19.94 3.55 21.35
CA PHE C 26 -18.83 4.02 20.54
C PHE C 26 -17.65 3.07 20.72
N ALA C 27 -16.68 3.19 19.83
CA ALA C 27 -15.47 2.37 19.87
C ALA C 27 -14.56 2.89 20.98
N PHE C 28 -14.54 2.18 22.11
CA PHE C 28 -13.72 2.62 23.23
C PHE C 28 -12.24 2.56 22.89
N SER C 29 -11.82 1.54 22.14
CA SER C 29 -10.40 1.39 21.82
C SER C 29 -9.88 2.58 21.04
N SER C 30 -10.63 3.04 20.03
CA SER C 30 -10.18 4.14 19.20
C SER C 30 -10.03 5.42 20.02
N PHE C 31 -10.99 5.71 20.90
CA PHE C 31 -10.98 6.93 21.66
C PHE C 31 -9.99 6.86 22.81
N GLY C 32 -9.30 7.98 23.06
CA GLY C 32 -8.55 8.15 24.29
C GLY C 32 -9.46 8.54 25.44
N MET C 33 -8.92 8.47 26.65
CA MET C 33 -9.69 8.74 27.85
C MET C 33 -8.95 9.73 28.74
N HIS C 34 -9.72 10.52 29.48
CA HIS C 34 -9.19 11.51 30.41
C HIS C 34 -9.98 11.46 31.70
N TRP C 35 -9.39 12.03 32.76
CA TRP C 35 -10.04 12.15 34.05
C TRP C 35 -9.91 13.59 34.53
N VAL C 36 -11.03 14.27 34.70
CA VAL C 36 -11.08 15.65 35.17
C VAL C 36 -11.89 15.68 36.45
N ARG C 37 -11.30 16.20 37.51
CA ARG C 37 -11.96 16.28 38.80
C ARG C 37 -12.64 17.64 38.98
N GLN C 38 -13.47 17.73 40.02
CA GLN C 38 -14.12 18.99 40.36
C GLN C 38 -14.44 18.96 41.85
N ALA C 39 -13.63 19.64 42.65
CA ALA C 39 -13.88 19.71 44.08
C ALA C 39 -15.18 20.45 44.35
N PRO C 40 -15.89 20.12 45.42
CA PRO C 40 -17.19 20.77 45.67
C PRO C 40 -17.03 22.28 45.78
N GLU C 41 -17.92 23.00 45.09
CA GLU C 41 -17.88 24.46 45.04
C GLU C 41 -16.49 24.95 44.65
N LYS C 42 -15.93 24.35 43.60
CA LYS C 42 -14.60 24.69 43.13
C LYS C 42 -14.55 24.47 41.62
N GLY C 43 -13.35 24.62 41.05
CA GLY C 43 -13.15 24.50 39.63
C GLY C 43 -12.73 23.11 39.20
N LEU C 44 -12.28 23.02 37.95
CA LEU C 44 -11.85 21.77 37.34
C LEU C 44 -10.35 21.61 37.44
N GLU C 45 -9.90 20.36 37.32
CA GLU C 45 -8.47 20.04 37.31
C GLU C 45 -8.28 18.70 36.61
N TRP C 46 -7.39 18.68 35.63
CA TRP C 46 -7.07 17.43 34.94
C TRP C 46 -6.34 16.48 35.89
N VAL C 47 -6.70 15.20 35.81
CA VAL C 47 -6.19 14.18 36.71
C VAL C 47 -5.18 13.26 36.00
N ALA C 48 -5.63 12.55 34.97
CA ALA C 48 -4.78 11.57 34.30
C ALA C 48 -5.25 11.39 32.86
N TYR C 49 -4.39 10.80 32.05
CA TYR C 49 -4.68 10.55 30.65
C TYR C 49 -4.15 9.18 30.25
N ILE C 50 -4.89 8.50 29.37
CA ILE C 50 -4.44 7.27 28.74
C ILE C 50 -4.85 7.31 27.28
N SER C 51 -3.94 6.88 26.40
CA SER C 51 -4.17 6.87 24.97
C SER C 51 -4.59 5.48 24.51
N SER C 52 -5.09 5.42 23.28
CA SER C 52 -5.45 4.14 22.69
C SER C 52 -4.23 3.23 22.61
N GLY C 53 -4.39 1.98 23.04
CA GLY C 53 -3.31 1.03 23.07
C GLY C 53 -2.43 1.12 24.30
N SER C 54 -2.69 2.06 25.21
CA SER C 54 -1.95 2.25 26.46
C SER C 54 -0.51 2.71 26.22
N GLY C 55 -0.17 3.14 25.00
CA GLY C 55 1.20 3.54 24.74
C GLY C 55 1.61 4.78 25.52
N THR C 56 0.72 5.78 25.59
CA THR C 56 1.00 7.05 26.23
C THR C 56 0.14 7.18 27.49
N ILE C 57 0.79 7.39 28.63
CA ILE C 57 0.11 7.60 29.91
C ILE C 57 0.77 8.78 30.61
N TYR C 58 -0.05 9.73 31.05
CA TYR C 58 0.43 10.91 31.75
C TYR C 58 -0.41 11.16 32.99
N TYR C 59 0.20 11.78 33.99
CA TYR C 59 -0.47 12.11 35.24
C TYR C 59 -0.09 13.52 35.66
N ALA C 60 -0.98 14.15 36.42
CA ALA C 60 -0.69 15.47 36.96
C ALA C 60 0.30 15.37 38.12
N ASP C 61 0.96 16.50 38.41
CA ASP C 61 1.99 16.50 39.44
C ASP C 61 1.42 16.12 40.80
N THR C 62 0.23 16.63 41.13
CA THR C 62 -0.36 16.39 42.45
C THR C 62 -0.89 14.97 42.63
N VAL C 63 -0.97 14.18 41.56
CA VAL C 63 -1.54 12.84 41.64
C VAL C 63 -0.60 11.80 41.05
N LYS C 64 0.49 12.26 40.43
CA LYS C 64 1.42 11.33 39.82
C LYS C 64 1.98 10.37 40.86
N GLY C 65 2.03 9.09 40.49
CA GLY C 65 2.51 8.05 41.39
C GLY C 65 1.41 7.42 42.20
N ARG C 66 0.69 8.22 42.98
CA ARG C 66 -0.39 7.67 43.81
C ARG C 66 -1.50 7.09 42.94
N PHE C 67 -1.88 7.78 41.87
CA PHE C 67 -2.98 7.38 41.01
C PHE C 67 -2.42 6.82 39.71
N THR C 68 -2.90 5.65 39.31
CA THR C 68 -2.52 5.02 38.06
C THR C 68 -3.77 4.69 37.26
N ILE C 69 -3.66 4.76 35.93
CA ILE C 69 -4.78 4.57 35.03
C ILE C 69 -4.49 3.37 34.14
N SER C 70 -5.56 2.67 33.74
CA SER C 70 -5.45 1.52 32.87
C SER C 70 -6.73 1.40 32.05
N ARG C 71 -6.61 0.72 30.90
CA ARG C 71 -7.74 0.54 30.00
C ARG C 71 -7.90 -0.95 29.67
N ASP C 72 -9.15 -1.34 29.42
CA ASP C 72 -9.50 -2.72 29.08
C ASP C 72 -10.32 -2.65 27.78
N ASP C 73 -9.64 -2.66 26.65
CA ASP C 73 -10.32 -2.53 25.36
C ASP C 73 -11.32 -3.64 25.11
N PRO C 74 -11.01 -4.92 25.36
CA PRO C 74 -12.00 -5.98 25.07
C PRO C 74 -13.32 -5.76 25.79
N LYS C 75 -13.29 -5.31 27.04
CA LYS C 75 -14.51 -5.11 27.82
C LYS C 75 -15.08 -3.70 27.72
N ASN C 76 -14.38 -2.78 27.04
CA ASN C 76 -14.83 -1.40 26.88
C ASN C 76 -15.09 -0.76 28.24
N THR C 77 -14.06 -0.77 29.08
CA THR C 77 -14.15 -0.18 30.41
C THR C 77 -12.82 0.46 30.77
N LEU C 78 -12.88 1.59 31.47
CA LEU C 78 -11.69 2.31 31.90
C LEU C 78 -11.57 2.23 33.42
N PHE C 79 -10.34 2.11 33.91
CA PHE C 79 -10.06 2.01 35.33
C PHE C 79 -9.03 3.06 35.73
N LEU C 80 -9.23 3.66 36.89
CA LEU C 80 -8.30 4.63 37.48
C LEU C 80 -8.03 4.21 38.91
N GLN C 81 -6.88 3.58 39.14
CA GLN C 81 -6.50 3.16 40.49
C GLN C 81 -6.10 4.37 41.32
N MET C 82 -6.53 4.39 42.59
CA MET C 82 -6.23 5.48 43.50
C MET C 82 -5.70 4.91 44.80
N THR C 83 -4.60 5.48 45.29
CA THR C 83 -3.95 5.03 46.51
C THR C 83 -3.62 6.22 47.40
N SER C 84 -3.66 5.99 48.71
CA SER C 84 -3.34 7.01 49.70
C SER C 84 -4.15 8.28 49.47
N LEU C 85 -5.48 8.12 49.45
CA LEU C 85 -6.36 9.26 49.24
C LEU C 85 -6.15 10.30 50.32
N ARG C 86 -6.07 11.57 49.92
CA ARG C 86 -5.90 12.69 50.83
C ARG C 86 -7.16 13.55 50.83
N SER C 87 -7.25 14.43 51.83
CA SER C 87 -8.39 15.33 51.92
C SER C 87 -8.53 16.16 50.65
N GLU C 88 -7.42 16.49 49.99
CA GLU C 88 -7.50 17.24 48.75
C GLU C 88 -8.15 16.43 47.63
N ASP C 89 -8.19 15.10 47.77
CA ASP C 89 -8.74 14.23 46.74
C ASP C 89 -10.26 14.17 46.76
N THR C 90 -10.92 14.84 47.70
CA THR C 90 -12.38 14.82 47.75
C THR C 90 -12.97 15.63 46.60
N ALA C 91 -13.27 14.97 45.49
CA ALA C 91 -13.81 15.64 44.32
C ALA C 91 -14.56 14.62 43.48
N MET C 92 -15.43 15.14 42.61
CA MET C 92 -16.21 14.31 41.69
C MET C 92 -15.44 14.20 40.38
N TYR C 93 -14.98 12.99 40.07
CA TYR C 93 -14.17 12.75 38.88
C TYR C 93 -15.07 12.50 37.68
N TYR C 94 -14.79 13.21 36.59
CA TYR C 94 -15.53 13.09 35.35
C TYR C 94 -14.66 12.41 34.30
N CYS C 95 -15.18 11.35 33.69
CA CYS C 95 -14.48 10.64 32.63
C CYS C 95 -14.80 11.30 31.30
N VAL C 96 -13.76 11.55 30.50
CA VAL C 96 -13.90 12.24 29.22
C VAL C 96 -13.22 11.41 28.14
N ARG C 97 -13.70 11.57 26.92
CA ARG C 97 -13.17 10.87 25.75
C ARG C 97 -12.72 11.86 24.71
N SER C 98 -11.54 11.60 24.12
CA SER C 98 -10.99 12.45 23.09
C SER C 98 -10.36 11.58 22.00
N ILE C 99 -10.44 12.05 20.76
CA ILE C 99 -9.82 11.41 19.62
C ILE C 99 -8.96 12.44 18.91
N TYR C 100 -7.71 12.09 18.63
CA TYR C 100 -6.71 13.05 18.17
C TYR C 100 -6.38 12.77 16.71
N TYR C 101 -6.89 13.61 15.82
CA TYR C 101 -6.51 13.63 14.41
C TYR C 101 -6.98 14.96 13.84
N TYR C 102 -6.45 15.28 12.65
CA TYR C 102 -6.79 16.56 12.04
C TYR C 102 -8.30 16.66 11.84
N GLY C 103 -8.86 17.78 12.25
CA GLY C 103 -10.29 17.98 12.19
C GLY C 103 -11.07 17.34 13.32
N SER C 104 -10.39 16.72 14.29
CA SER C 104 -11.06 16.06 15.38
C SER C 104 -11.52 17.08 16.43
N SER C 105 -12.31 16.61 17.39
CA SER C 105 -12.87 17.44 18.45
C SER C 105 -12.58 16.78 19.78
N PRO C 106 -11.38 17.00 20.34
CA PRO C 106 -11.07 16.43 21.66
C PRO C 106 -12.02 16.95 22.72
N PHE C 107 -12.29 16.09 23.72
CA PHE C 107 -13.17 16.43 24.84
C PHE C 107 -14.58 16.77 24.33
N ASP C 108 -15.07 15.95 23.41
CA ASP C 108 -16.38 16.17 22.80
C ASP C 108 -17.53 15.53 23.57
N PHE C 109 -17.23 14.71 24.59
CA PHE C 109 -18.27 14.06 25.36
C PHE C 109 -17.81 13.92 26.81
N TRP C 110 -18.70 14.23 27.74
CA TRP C 110 -18.43 14.16 29.16
C TRP C 110 -19.50 13.31 29.84
N GLY C 111 -19.07 12.42 30.74
CA GLY C 111 -19.99 11.60 31.50
C GLY C 111 -20.51 12.31 32.74
N GLN C 112 -21.35 11.59 33.48
CA GLN C 112 -21.92 12.13 34.71
C GLN C 112 -20.93 12.11 35.86
N GLY C 113 -19.83 11.36 35.75
CA GLY C 113 -18.82 11.32 36.78
C GLY C 113 -19.21 10.45 37.96
N THR C 114 -18.23 10.24 38.84
CA THR C 114 -18.42 9.47 40.06
C THR C 114 -17.98 10.32 41.24
N THR C 115 -18.89 10.51 42.20
CA THR C 115 -18.59 11.36 43.35
C THR C 115 -17.70 10.61 44.33
N LEU C 116 -16.62 11.27 44.76
CA LEU C 116 -15.70 10.74 45.76
C LEU C 116 -15.58 11.74 46.88
N THR C 117 -15.82 11.29 48.11
CA THR C 117 -15.80 12.13 49.30
C THR C 117 -14.76 11.58 50.27
N VAL C 118 -13.53 12.06 50.12
CA VAL C 118 -12.43 11.64 50.99
C VAL C 118 -12.43 12.50 52.25
N SER C 119 -12.17 11.89 53.39
CA SER C 119 -12.14 12.59 54.67
C SER C 119 -13.48 13.27 54.95
N SER C 135 5.89 25.64 38.23
CA SER C 135 6.49 24.47 37.62
C SER C 135 6.28 24.42 36.11
N ALA C 136 6.34 25.59 35.48
CA ALA C 136 6.18 25.77 34.04
C ALA C 136 4.75 25.50 33.56
N ASP C 137 3.82 25.19 34.47
CA ASP C 137 2.45 24.94 34.06
C ASP C 137 1.81 26.22 33.52
N ILE C 138 1.03 26.08 32.46
CA ILE C 138 0.36 27.21 31.82
C ILE C 138 -0.88 27.52 32.66
N VAL C 139 -0.82 28.58 33.44
CA VAL C 139 -1.93 28.97 34.31
C VAL C 139 -2.95 29.75 33.50
N MET C 140 -4.21 29.33 33.59
CA MET C 140 -5.32 30.00 32.90
C MET C 140 -6.11 30.79 33.94
N THR C 141 -6.28 32.08 33.68
CA THR C 141 -6.97 32.99 34.58
C THR C 141 -8.17 33.62 33.88
N GLN C 142 -9.31 33.65 34.55
CA GLN C 142 -10.52 34.27 34.02
C GLN C 142 -10.80 35.56 34.78
N ALA C 143 -11.14 36.61 34.03
CA ALA C 143 -11.25 37.94 34.62
C ALA C 143 -12.33 37.99 35.70
N THR C 144 -13.50 37.41 35.42
CA THR C 144 -14.65 37.51 36.32
C THR C 144 -15.13 36.12 36.71
N SER C 145 -15.37 35.95 38.02
CA SER C 145 -15.90 34.68 38.51
C SER C 145 -17.38 34.53 38.17
N SER C 146 -18.14 35.62 38.26
CA SER C 146 -19.56 35.60 37.93
C SER C 146 -19.94 36.91 37.26
N VAL C 147 -20.97 36.86 36.43
CA VAL C 147 -21.45 38.03 35.70
C VAL C 147 -22.98 38.00 35.65
N PRO C 148 -23.68 38.99 36.21
CA PRO C 148 -25.15 38.99 36.09
C PRO C 148 -25.58 39.39 34.69
N VAL C 149 -26.47 38.60 34.10
CA VAL C 149 -26.95 38.81 32.74
C VAL C 149 -28.45 38.56 32.69
N THR C 150 -29.06 38.94 31.57
CA THR C 150 -30.47 38.74 31.33
C THR C 150 -30.68 38.10 29.97
N PRO C 151 -31.78 37.36 29.78
CA PRO C 151 -31.99 36.70 28.49
C PRO C 151 -32.13 37.71 27.35
N GLY C 152 -31.61 37.31 26.19
CA GLY C 152 -31.67 38.15 25.00
C GLY C 152 -30.56 39.16 24.87
N GLU C 153 -29.67 39.26 25.86
CA GLU C 153 -28.57 40.20 25.83
C GLU C 153 -27.26 39.48 25.56
N SER C 154 -26.42 40.09 24.72
CA SER C 154 -25.12 39.51 24.42
C SER C 154 -24.25 39.46 25.66
N VAL C 155 -23.55 38.34 25.85
CA VAL C 155 -22.69 38.12 26.99
C VAL C 155 -21.32 37.72 26.49
N SER C 156 -20.27 38.35 27.04
CA SER C 156 -18.90 38.09 26.65
C SER C 156 -18.11 37.63 27.86
N ILE C 157 -17.36 36.55 27.70
CA ILE C 157 -16.49 36.00 28.73
C ILE C 157 -15.07 35.98 28.21
N SER C 158 -14.14 36.54 28.99
CA SER C 158 -12.75 36.66 28.58
C SER C 158 -11.85 35.87 29.52
N CYS C 159 -10.83 35.25 28.95
CA CYS C 159 -9.82 34.52 29.71
C CYS C 159 -8.45 34.81 29.13
N ARG C 160 -7.42 34.61 29.96
CA ARG C 160 -6.05 34.91 29.58
C ARG C 160 -5.15 33.75 29.94
N SER C 161 -4.05 33.62 29.19
CA SER C 161 -3.07 32.56 29.39
C SER C 161 -1.69 33.18 29.61
N SER C 162 -0.92 32.56 30.51
CA SER C 162 0.42 33.08 30.81
C SER C 162 1.40 32.83 29.68
N LYS C 163 1.11 31.87 28.80
CA LYS C 163 2.00 31.54 27.68
C LYS C 163 1.19 31.47 26.40
N SER C 164 1.82 31.85 25.30
CA SER C 164 1.17 31.83 24.00
C SER C 164 0.73 30.42 23.63
N LEU C 165 -0.59 30.20 23.51
CA LEU C 165 -1.13 28.89 23.18
C LEU C 165 -1.13 28.62 21.67
N LEU C 166 -0.76 29.61 20.86
CA LEU C 166 -0.72 29.44 19.41
C LEU C 166 0.61 28.81 19.02
N HIS C 167 0.60 27.52 18.69
CA HIS C 167 1.81 26.83 18.29
C HIS C 167 2.18 27.22 16.86
N SER C 168 3.41 26.86 16.48
CA SER C 168 3.89 27.18 15.14
C SER C 168 3.03 26.56 14.05
N ASN C 169 2.31 25.47 14.36
CA ASN C 169 1.43 24.86 13.38
C ASN C 169 0.25 25.75 13.01
N GLY C 170 -0.04 26.77 13.81
CA GLY C 170 -1.13 27.68 13.54
C GLY C 170 -2.44 27.37 14.23
N ASN C 171 -2.44 26.44 15.19
CA ASN C 171 -3.65 26.06 15.92
C ASN C 171 -3.57 26.60 17.34
N THR C 172 -4.64 27.28 17.77
CA THR C 172 -4.76 27.80 19.13
C THR C 172 -5.43 26.75 19.99
N TYR C 173 -4.67 26.15 20.89
CA TYR C 173 -5.17 25.04 21.72
C TYR C 173 -5.90 25.62 22.95
N LEU C 174 -7.08 26.15 22.69
CA LEU C 174 -7.98 26.65 23.74
C LEU C 174 -9.30 25.90 23.64
N TYR C 175 -9.79 25.43 24.79
CA TYR C 175 -11.04 24.68 24.85
C TYR C 175 -11.98 25.35 25.83
N TRP C 176 -13.19 25.64 25.38
CA TRP C 176 -14.23 26.23 26.22
C TRP C 176 -15.24 25.15 26.60
N PHE C 177 -15.54 25.07 27.89
CA PHE C 177 -16.48 24.08 28.43
C PHE C 177 -17.58 24.79 29.21
N LEU C 178 -18.81 24.34 28.99
CA LEU C 178 -19.98 24.87 29.68
C LEU C 178 -20.56 23.79 30.57
N GLN C 179 -20.72 24.10 31.86
CA GLN C 179 -21.27 23.18 32.84
C GLN C 179 -22.52 23.81 33.44
N ARG C 180 -23.69 23.43 32.91
CA ARG C 180 -24.94 23.95 33.42
C ARG C 180 -25.22 23.40 34.81
N PRO C 181 -26.07 24.06 35.58
CA PRO C 181 -26.34 23.59 36.95
C PRO C 181 -26.80 22.14 36.97
N GLY C 182 -26.20 21.36 37.87
CA GLY C 182 -26.55 19.96 37.98
C GLY C 182 -26.35 19.18 36.71
N GLN C 183 -25.28 19.46 35.97
CA GLN C 183 -25.00 18.77 34.72
C GLN C 183 -23.51 18.76 34.48
N SER C 184 -23.08 17.84 33.62
CA SER C 184 -21.67 17.69 33.30
C SER C 184 -21.22 18.78 32.32
N PRO C 185 -19.92 19.04 32.24
CA PRO C 185 -19.43 20.04 31.29
C PRO C 185 -19.73 19.65 29.85
N GLN C 186 -19.94 20.67 29.02
CA GLN C 186 -20.19 20.49 27.60
C GLN C 186 -19.21 21.34 26.81
N LEU C 187 -18.69 20.78 25.72
CA LEU C 187 -17.70 21.46 24.90
C LEU C 187 -18.40 22.42 23.93
N LEU C 188 -18.01 23.70 23.97
CA LEU C 188 -18.53 24.70 23.06
C LEU C 188 -17.52 25.01 21.94
N ILE C 189 -16.31 25.41 22.31
CA ILE C 189 -15.25 25.74 21.37
C ILE C 189 -14.00 24.98 21.79
N TYR C 190 -13.38 24.26 20.85
CA TYR C 190 -12.26 23.39 21.18
C TYR C 190 -10.92 23.85 20.64
N ARG C 191 -10.90 24.77 19.68
CA ARG C 191 -9.64 25.33 19.20
C ARG C 191 -9.76 26.84 18.99
N MET C 192 -10.59 27.48 19.80
CA MET C 192 -10.71 28.94 19.86
C MET C 192 -11.45 29.52 18.65
N SER C 193 -11.72 28.69 17.63
CA SER C 193 -12.42 29.17 16.46
C SER C 193 -13.49 28.21 15.94
N ASN C 194 -13.52 26.97 16.40
CA ASN C 194 -14.40 25.94 15.84
C ASN C 194 -15.46 25.56 16.86
N LEU C 195 -16.72 25.57 16.42
CA LEU C 195 -17.84 25.21 17.29
C LEU C 195 -17.93 23.70 17.41
N ALA C 196 -18.25 23.23 18.61
CA ALA C 196 -18.38 21.80 18.85
C ALA C 196 -19.68 21.28 18.26
N SER C 197 -19.71 19.96 18.05
CA SER C 197 -20.90 19.32 17.49
C SER C 197 -22.07 19.41 18.45
N GLY C 198 -23.27 19.57 17.90
CA GLY C 198 -24.47 19.63 18.73
C GLY C 198 -24.49 20.82 19.66
N VAL C 199 -24.07 21.99 19.19
CA VAL C 199 -24.08 23.21 19.99
C VAL C 199 -24.71 24.32 19.16
N PRO C 200 -25.49 25.23 19.76
CA PRO C 200 -26.06 26.33 18.98
C PRO C 200 -24.98 27.20 18.36
N ASP C 201 -25.30 27.75 17.18
CA ASP C 201 -24.37 28.64 16.50
C ASP C 201 -24.21 29.98 17.20
N ARG C 202 -25.04 30.26 18.21
CA ARG C 202 -24.93 31.54 18.93
C ARG C 202 -23.54 31.71 19.54
N PHE C 203 -23.00 30.63 20.11
CA PHE C 203 -21.67 30.72 20.71
C PHE C 203 -20.63 30.98 19.63
N SER C 204 -19.66 31.84 19.97
CA SER C 204 -18.57 32.16 19.05
C SER C 204 -17.30 32.37 19.85
N GLY C 205 -16.17 32.11 19.21
CA GLY C 205 -14.88 32.22 19.88
C GLY C 205 -13.89 33.02 19.07
N SER C 206 -13.16 33.89 19.75
CA SER C 206 -12.13 34.71 19.11
C SER C 206 -11.11 35.11 20.18
N GLY C 207 -9.91 35.44 19.73
CA GLY C 207 -8.87 35.86 20.65
C GLY C 207 -7.53 35.92 19.96
N SER C 208 -6.58 36.48 20.69
CA SER C 208 -5.19 36.61 20.24
C SER C 208 -4.38 35.43 20.78
N GLY C 209 -3.06 35.49 20.59
CA GLY C 209 -2.19 34.42 21.05
C GLY C 209 -2.22 34.20 22.55
N THR C 210 -2.61 35.22 23.32
CA THR C 210 -2.68 35.12 24.77
C THR C 210 -4.03 35.49 25.36
N ALA C 211 -4.81 36.35 24.71
CA ALA C 211 -6.12 36.76 25.21
C ALA C 211 -7.21 36.09 24.38
N PHE C 212 -8.20 35.51 25.06
CA PHE C 212 -9.29 34.80 24.40
C PHE C 212 -10.61 35.28 24.98
N THR C 213 -11.64 35.29 24.11
CA THR C 213 -12.95 35.78 24.49
C THR C 213 -14.02 34.85 23.94
N LEU C 214 -15.04 34.59 24.75
CA LEU C 214 -16.20 33.80 24.35
C LEU C 214 -17.43 34.71 24.40
N THR C 215 -18.12 34.84 23.26
CA THR C 215 -19.24 35.75 23.12
C THR C 215 -20.50 34.95 22.82
N ILE C 216 -21.57 35.24 23.55
CA ILE C 216 -22.88 34.67 23.29
C ILE C 216 -23.70 35.70 22.52
N SER C 217 -24.12 35.34 21.30
CA SER C 217 -24.83 36.29 20.46
C SER C 217 -26.14 36.74 21.10
N ARG C 218 -26.89 35.79 21.67
CA ARG C 218 -28.15 36.11 22.31
C ARG C 218 -28.37 35.10 23.43
N LEU C 219 -28.37 35.58 24.67
CA LEU C 219 -28.47 34.71 25.83
C LEU C 219 -29.84 34.07 25.91
N GLU C 220 -29.88 32.76 26.12
CA GLU C 220 -31.11 32.03 26.36
C GLU C 220 -31.10 31.41 27.76
N ALA C 221 -32.22 30.76 28.11
CA ALA C 221 -32.32 30.14 29.41
C ALA C 221 -31.29 29.03 29.60
N GLU C 222 -31.06 28.23 28.55
CA GLU C 222 -30.12 27.12 28.68
C GLU C 222 -28.68 27.60 28.87
N ASP C 223 -28.37 28.81 28.41
CA ASP C 223 -27.01 29.32 28.50
C ASP C 223 -26.56 29.52 29.94
N VAL C 224 -27.49 29.58 30.89
CA VAL C 224 -27.10 29.80 32.29
C VAL C 224 -26.26 28.63 32.78
N GLY C 225 -25.13 28.94 33.39
CA GLY C 225 -24.24 27.92 33.89
C GLY C 225 -22.87 28.51 34.21
N VAL C 226 -21.88 27.62 34.29
CA VAL C 226 -20.50 28.00 34.57
C VAL C 226 -19.67 27.68 33.35
N TYR C 227 -18.98 28.70 32.83
CA TYR C 227 -18.12 28.54 31.66
C TYR C 227 -16.68 28.32 32.11
N TYR C 228 -16.04 27.31 31.53
CA TYR C 228 -14.67 26.94 31.88
C TYR C 228 -13.78 27.02 30.65
N CYS C 229 -12.48 27.22 30.89
CA CYS C 229 -11.48 27.31 29.84
C CYS C 229 -10.35 26.34 30.14
N MET C 230 -9.70 25.87 29.08
CA MET C 230 -8.60 24.92 29.21
C MET C 230 -7.57 25.19 28.13
N GLN C 231 -6.32 24.85 28.43
CA GLN C 231 -5.22 24.93 27.48
C GLN C 231 -4.69 23.52 27.24
N HIS C 232 -4.39 23.22 25.97
CA HIS C 232 -3.93 21.88 25.60
C HIS C 232 -2.59 21.90 24.86
N LEU C 233 -1.92 23.05 24.81
CA LEU C 233 -0.60 23.10 24.18
C LEU C 233 0.39 22.20 24.91
N GLU C 234 0.35 22.23 26.25
CA GLU C 234 1.19 21.36 27.07
C GLU C 234 0.28 20.46 27.91
N TYR C 235 0.72 19.23 28.13
CA TYR C 235 -0.12 18.21 28.74
C TYR C 235 -0.47 18.49 30.20
N PRO C 236 0.30 19.30 30.96
CA PRO C 236 -0.20 19.70 32.28
C PRO C 236 -1.38 20.65 32.15
N LEU C 237 -2.52 20.10 31.76
CA LEU C 237 -3.71 20.90 31.49
C LEU C 237 -4.10 21.68 32.74
N THR C 238 -4.48 22.94 32.55
CA THR C 238 -4.92 23.81 33.63
C THR C 238 -6.29 24.38 33.29
N PHE C 239 -7.18 24.42 34.28
CA PHE C 239 -8.52 24.96 34.13
C PHE C 239 -8.65 26.25 34.91
N GLY C 240 -9.36 27.22 34.32
CA GLY C 240 -9.57 28.48 34.99
C GLY C 240 -10.60 28.38 36.11
N ALA C 241 -10.70 29.44 36.90
CA ALA C 241 -11.64 29.47 38.00
C ALA C 241 -13.08 29.33 37.53
N GLY C 242 -13.37 29.71 36.29
CA GLY C 242 -14.71 29.57 35.75
C GLY C 242 -15.53 30.84 35.87
N THR C 243 -16.40 31.08 34.89
CA THR C 243 -17.30 32.23 34.88
C THR C 243 -18.72 31.72 35.08
N LYS C 244 -19.38 32.19 36.15
CA LYS C 244 -20.71 31.74 36.52
C LYS C 244 -21.73 32.80 36.11
N LEU C 245 -22.43 32.53 35.01
CA LEU C 245 -23.49 33.43 34.57
C LEU C 245 -24.78 33.13 35.32
N GLU C 246 -25.45 34.18 35.77
CA GLU C 246 -26.71 34.05 36.49
C GLU C 246 -27.74 35.00 35.89
N LEU C 247 -29.00 34.59 35.95
CA LEU C 247 -30.08 35.37 35.37
C LEU C 247 -30.65 36.35 36.40
N ALA D 10 -38.60 5.65 -30.24
CA ALA D 10 -37.46 5.45 -31.18
C ALA D 10 -36.30 6.37 -30.82
N GLN D 11 -35.08 5.91 -31.09
CA GLN D 11 -33.90 6.70 -30.76
C GLN D 11 -33.82 7.97 -31.59
N ALA D 12 -34.48 8.00 -32.76
CA ALA D 12 -34.39 9.17 -33.63
C ALA D 12 -34.97 10.40 -32.94
N ARG D 13 -36.14 10.25 -32.30
CA ARG D 13 -36.76 11.37 -31.62
C ARG D 13 -35.87 11.90 -30.50
N LYS D 14 -35.30 10.99 -29.71
CA LYS D 14 -34.41 11.40 -28.64
C LYS D 14 -33.18 12.13 -29.20
N LEU D 15 -32.60 11.60 -30.27
CA LEU D 15 -31.41 12.23 -30.84
C LEU D 15 -31.70 13.62 -31.37
N VAL D 16 -32.84 13.79 -32.04
CA VAL D 16 -33.19 15.12 -32.56
C VAL D 16 -33.48 16.08 -31.41
N GLU D 17 -34.11 15.57 -30.35
CA GLU D 17 -34.35 16.42 -29.18
C GLU D 17 -33.04 16.88 -28.58
N GLN D 18 -32.06 15.98 -28.49
CA GLN D 18 -30.75 16.35 -27.96
C GLN D 18 -30.05 17.36 -28.87
N LEU D 19 -30.10 17.14 -30.18
CA LEU D 19 -29.44 18.04 -31.13
C LEU D 19 -30.18 19.37 -31.28
N LYS D 20 -31.38 19.49 -30.73
CA LYS D 20 -32.09 20.76 -30.78
C LYS D 20 -31.29 21.88 -30.13
N MET D 21 -30.34 21.55 -29.26
CA MET D 21 -29.52 22.54 -28.59
C MET D 21 -28.53 23.21 -29.54
N GLU D 22 -28.60 22.95 -30.84
CA GLU D 22 -27.63 23.45 -31.80
C GLU D 22 -27.48 24.98 -31.74
N ALA D 23 -28.60 25.71 -31.64
CA ALA D 23 -28.54 27.16 -31.71
C ALA D 23 -29.30 27.84 -30.58
N ASN D 24 -29.22 27.31 -29.35
CA ASN D 24 -29.88 27.94 -28.21
C ASN D 24 -28.96 28.84 -27.40
N ILE D 25 -27.68 28.90 -27.74
CA ILE D 25 -26.67 29.60 -26.95
C ILE D 25 -26.01 30.66 -27.82
N ASP D 26 -25.95 31.89 -27.30
CA ASP D 26 -25.13 32.93 -27.92
C ASP D 26 -23.66 32.60 -27.69
N ARG D 27 -22.85 32.81 -28.73
CA ARG D 27 -21.47 32.35 -28.73
C ARG D 27 -20.52 33.53 -28.85
N ILE D 28 -19.30 33.33 -28.34
CA ILE D 28 -18.23 34.32 -28.39
C ILE D 28 -17.09 33.73 -29.20
N LYS D 29 -16.50 34.55 -30.07
CA LYS D 29 -15.42 34.07 -30.93
C LYS D 29 -14.21 33.70 -30.09
N VAL D 30 -13.42 32.76 -30.62
CA VAL D 30 -12.31 32.19 -29.86
C VAL D 30 -11.29 33.25 -29.47
N SER D 31 -11.13 34.29 -30.29
CA SER D 31 -10.13 35.31 -29.98
C SER D 31 -10.42 36.00 -28.66
N LYS D 32 -11.68 36.37 -28.43
CA LYS D 32 -12.04 37.05 -27.20
C LYS D 32 -11.80 36.16 -25.98
N ALA D 33 -12.16 34.88 -26.09
CA ALA D 33 -11.93 33.96 -24.97
C ALA D 33 -10.45 33.79 -24.70
N ALA D 34 -9.65 33.67 -25.75
CA ALA D 34 -8.20 33.54 -25.57
C ALA D 34 -7.63 34.78 -24.89
N ALA D 35 -8.08 35.96 -25.31
CA ALA D 35 -7.62 37.19 -24.66
C ALA D 35 -8.04 37.24 -23.20
N ASP D 36 -9.28 36.81 -22.91
CA ASP D 36 -9.76 36.81 -21.54
C ASP D 36 -8.95 35.86 -20.68
N LEU D 37 -8.51 34.73 -21.24
CA LEU D 37 -7.69 33.80 -20.48
C LEU D 37 -6.41 34.47 -20.00
N MET D 38 -5.69 35.13 -20.90
CA MET D 38 -4.45 35.79 -20.50
C MET D 38 -4.72 36.98 -19.59
N ALA D 39 -5.85 37.67 -19.80
CA ALA D 39 -6.22 38.76 -18.91
C ALA D 39 -6.41 38.27 -17.48
N TYR D 40 -7.11 37.13 -17.32
CA TYR D 40 -7.29 36.55 -15.99
C TYR D 40 -5.95 36.09 -15.42
N CYS D 41 -5.10 35.50 -16.26
CA CYS D 41 -3.81 35.03 -15.78
C CYS D 41 -2.96 36.19 -15.26
N GLU D 42 -2.92 37.30 -15.99
CA GLU D 42 -2.13 38.45 -15.55
C GLU D 42 -2.76 39.12 -14.34
N ALA D 43 -4.10 39.13 -14.26
CA ALA D 43 -4.77 39.73 -13.11
C ALA D 43 -4.41 39.01 -11.83
N HIS D 44 -4.35 37.68 -11.88
CA HIS D 44 -4.00 36.86 -10.71
C HIS D 44 -2.60 36.29 -10.80
N ALA D 45 -1.71 36.92 -11.58
CA ALA D 45 -0.37 36.38 -11.76
C ALA D 45 0.40 36.32 -10.44
N LYS D 46 0.32 37.39 -9.65
CA LYS D 46 1.04 37.43 -8.38
C LYS D 46 0.34 36.67 -7.27
N GLU D 47 -0.90 36.23 -7.48
CA GLU D 47 -1.65 35.47 -6.48
C GLU D 47 -1.43 33.97 -6.60
N ASP D 48 -0.59 33.53 -7.54
CA ASP D 48 -0.30 32.11 -7.71
C ASP D 48 1.16 31.85 -7.33
N PRO D 49 1.44 31.30 -6.15
CA PRO D 49 2.84 31.07 -5.77
C PRO D 49 3.61 30.19 -6.74
N LEU D 50 2.97 29.19 -7.35
CA LEU D 50 3.67 28.34 -8.30
C LEU D 50 4.15 29.13 -9.52
N LEU D 51 3.47 30.23 -9.85
CA LEU D 51 3.90 31.11 -10.94
C LEU D 51 4.93 32.13 -10.47
N THR D 52 4.73 32.70 -9.28
CA THR D 52 5.68 33.62 -8.67
C THR D 52 6.21 32.97 -7.38
N PRO D 53 7.45 32.45 -7.38
CA PRO D 53 7.95 31.76 -6.17
C PRO D 53 7.79 32.58 -4.90
N VAL D 54 6.96 32.10 -3.98
CA VAL D 54 6.77 32.82 -2.72
C VAL D 54 8.06 32.77 -1.91
N PRO D 55 8.41 33.82 -1.18
CA PRO D 55 9.62 33.75 -0.34
C PRO D 55 9.51 32.64 0.69
N ALA D 56 10.66 32.04 1.01
CA ALA D 56 10.67 30.93 1.96
C ALA D 56 10.08 31.33 3.31
N SER D 57 10.20 32.60 3.69
CA SER D 57 9.65 33.05 4.96
C SER D 57 8.13 32.89 4.99
N GLU D 58 7.45 33.22 3.88
CA GLU D 58 6.01 33.11 3.78
C GLU D 58 5.58 31.77 3.16
N ASN D 59 6.41 30.74 3.29
CA ASN D 59 6.13 29.42 2.73
C ASN D 59 5.99 28.43 3.88
N PRO D 60 4.77 28.00 4.21
CA PRO D 60 4.62 27.05 5.33
C PRO D 60 5.39 25.76 5.14
N PHE D 61 5.56 25.30 3.91
CA PHE D 61 6.20 24.02 3.66
C PHE D 61 7.71 24.04 3.84
N ARG D 62 8.32 25.23 3.93
CA ARG D 62 9.76 25.33 4.14
C ARG D 62 10.10 25.13 5.61
N SER E 10 60.36 -6.19 -4.36
CA SER E 10 59.43 -6.17 -5.53
C SER E 10 58.35 -7.23 -5.37
N TYR E 11 58.71 -8.38 -4.81
CA TYR E 11 57.73 -9.43 -4.55
C TYR E 11 56.64 -8.94 -3.60
N GLN E 12 57.05 -8.24 -2.54
CA GLN E 12 56.08 -7.74 -1.57
C GLN E 12 55.13 -6.74 -2.23
N VAL E 13 55.63 -5.96 -3.18
CA VAL E 13 54.77 -5.01 -3.89
C VAL E 13 53.69 -5.76 -4.66
N ILE E 14 54.07 -6.82 -5.36
CA ILE E 14 53.10 -7.61 -6.12
C ILE E 14 52.09 -8.26 -5.19
N THR E 15 52.57 -8.82 -4.08
CA THR E 15 51.66 -9.45 -3.13
C THR E 15 50.67 -8.43 -2.57
N SER E 16 51.17 -7.25 -2.22
CA SER E 16 50.29 -6.19 -1.71
C SER E 16 49.26 -5.79 -2.75
N LEU E 17 49.68 -5.62 -4.00
CA LEU E 17 48.75 -5.26 -5.06
C LEU E 17 47.65 -6.29 -5.20
N LEU E 18 48.04 -7.57 -5.30
CA LEU E 18 47.05 -8.62 -5.51
C LEU E 18 46.09 -8.72 -4.32
N LEU E 19 46.63 -8.74 -3.10
CA LEU E 19 45.80 -8.89 -1.93
C LEU E 19 44.88 -7.69 -1.73
N GLY E 20 45.39 -6.48 -1.97
CA GLY E 20 44.54 -5.30 -1.87
C GLY E 20 43.44 -5.30 -2.91
N THR E 21 43.75 -5.72 -4.13
CA THR E 21 42.73 -5.85 -5.16
C THR E 21 41.64 -6.84 -4.72
N LEU E 22 42.07 -7.96 -4.16
CA LEU E 22 41.09 -8.97 -3.68
C LEU E 22 40.29 -8.36 -2.52
N ILE E 23 40.95 -7.76 -1.52
CA ILE E 23 40.19 -7.27 -0.33
C ILE E 23 39.20 -6.19 -0.79
N PHE E 24 39.63 -5.32 -1.71
CA PHE E 24 38.72 -4.29 -2.24
C PHE E 24 37.54 -4.94 -2.95
N CYS E 25 37.79 -5.65 -4.05
CA CYS E 25 36.70 -6.22 -4.84
C CYS E 25 35.70 -6.95 -3.95
N ALA E 26 36.18 -7.67 -2.93
CA ALA E 26 35.26 -8.32 -2.00
C ALA E 26 34.42 -7.30 -1.26
N VAL E 27 35.04 -6.23 -0.78
CA VAL E 27 34.31 -5.21 -0.04
C VAL E 27 33.24 -4.58 -0.94
N LEU E 28 33.62 -4.24 -2.18
CA LEU E 28 32.66 -3.64 -3.09
C LEU E 28 31.50 -4.60 -3.37
N GLY E 29 31.81 -5.87 -3.67
CA GLY E 29 30.76 -6.82 -3.98
C GLY E 29 29.79 -7.02 -2.83
N ASN E 30 30.32 -7.09 -1.60
CA ASN E 30 29.45 -7.32 -0.45
C ASN E 30 28.63 -6.08 -0.11
N ALA E 31 29.27 -4.90 -0.12
CA ALA E 31 28.55 -3.67 0.19
C ALA E 31 27.49 -3.39 -0.85
N CYS E 32 27.74 -3.78 -2.11
CA CYS E 32 26.72 -3.58 -3.15
C CYS E 32 25.46 -4.38 -2.83
N VAL E 33 25.61 -5.63 -2.42
CA VAL E 33 24.45 -6.44 -2.07
C VAL E 33 23.76 -5.87 -0.82
N VAL E 34 24.56 -5.47 0.17
CA VAL E 34 23.98 -4.94 1.41
C VAL E 34 23.19 -3.67 1.13
N ALA E 35 23.67 -2.85 0.19
CA ALA E 35 22.95 -1.63 -0.15
C ALA E 35 21.74 -1.93 -1.03
N ALA E 36 21.85 -2.93 -1.91
CA ALA E 36 20.75 -3.28 -2.80
C ALA E 36 19.56 -3.81 -2.01
N ILE E 37 19.82 -4.65 -1.00
CA ILE E 37 18.72 -5.21 -0.21
C ILE E 37 17.92 -4.09 0.45
N ALA E 38 18.57 -2.97 0.76
CA ALA E 38 17.91 -1.89 1.50
C ALA E 38 17.27 -0.88 0.56
N LEU E 39 17.95 -0.54 -0.53
CA LEU E 39 17.45 0.52 -1.43
C LEU E 39 16.33 0.04 -2.38
N GLU E 40 16.08 -1.27 -2.56
CA GLU E 40 14.92 -1.71 -3.39
C GLU E 40 13.96 -2.51 -2.52
N ARG E 41 12.67 -2.14 -2.49
CA ARG E 41 11.62 -2.82 -1.66
C ARG E 41 11.45 -4.25 -2.15
N SER E 42 11.51 -4.41 -3.46
CA SER E 42 11.26 -5.74 -4.07
C SER E 42 12.20 -6.84 -3.59
N LEU E 43 13.27 -6.54 -2.82
CA LEU E 43 14.11 -7.69 -2.56
C LEU E 43 13.95 -8.22 -1.14
N GLN E 44 13.09 -7.58 -0.34
CA GLN E 44 12.99 -7.99 1.09
C GLN E 44 12.16 -9.26 1.23
N ASN E 45 12.81 -10.43 1.20
CA ASN E 45 12.18 -11.73 1.35
C ASN E 45 12.97 -12.53 2.37
N VAL E 46 12.35 -13.61 2.87
CA VAL E 46 13.02 -14.44 3.86
C VAL E 46 14.33 -14.99 3.30
N ALA E 47 14.27 -15.59 2.12
CA ALA E 47 15.49 -16.07 1.46
C ALA E 47 16.42 -14.91 1.16
N ASN E 48 15.88 -13.81 0.65
CA ASN E 48 16.70 -12.63 0.40
C ASN E 48 17.20 -11.99 1.68
N TYR E 49 16.49 -12.06 2.81
CA TYR E 49 17.07 -11.51 4.07
C TYR E 49 18.20 -12.42 4.53
N LEU E 50 18.08 -13.74 4.34
CA LEU E 50 19.22 -14.60 4.65
C LEU E 50 20.41 -14.26 3.76
N ILE E 51 20.16 -14.02 2.47
CA ILE E 51 21.24 -13.67 1.55
C ILE E 51 21.88 -12.34 1.97
N GLY E 52 21.06 -11.37 2.36
CA GLY E 52 21.60 -10.09 2.79
C GLY E 52 22.41 -10.21 4.07
N SER E 53 21.96 -11.05 5.00
CA SER E 53 22.74 -11.28 6.21
C SER E 53 24.06 -11.97 5.89
N LEU E 54 24.05 -12.92 4.95
CA LEU E 54 25.30 -13.53 4.50
C LEU E 54 26.23 -12.49 3.90
N ALA E 55 25.67 -11.58 3.10
CA ALA E 55 26.45 -10.51 2.52
C ALA E 55 27.04 -9.59 3.60
N VAL E 56 26.26 -9.31 4.64
CA VAL E 56 26.77 -8.48 5.74
C VAL E 56 27.92 -9.19 6.45
N THR E 57 27.77 -10.50 6.70
CA THR E 57 28.84 -11.26 7.33
C THR E 57 30.10 -11.25 6.46
N ASP E 58 29.93 -11.43 5.15
CA ASP E 58 31.07 -11.37 4.24
C ASP E 58 31.71 -10.00 4.20
N LEU E 59 30.91 -8.93 4.27
CA LEU E 59 31.48 -7.58 4.31
C LEU E 59 32.26 -7.35 5.58
N MET E 60 31.77 -7.88 6.70
CA MET E 60 32.53 -7.82 7.95
C MET E 60 33.85 -8.56 7.80
N VAL E 61 33.83 -9.73 7.17
CA VAL E 61 35.07 -10.46 6.90
C VAL E 61 36.02 -9.58 6.09
N SER E 62 35.51 -8.99 5.01
CA SER E 62 36.37 -8.24 4.10
C SER E 62 36.98 -7.01 4.78
N VAL E 63 36.19 -6.31 5.59
CA VAL E 63 36.64 -5.05 6.17
C VAL E 63 37.52 -5.27 7.40
N LEU E 64 37.11 -6.17 8.30
CA LEU E 64 37.84 -6.30 9.59
C LEU E 64 38.96 -7.36 9.52
N VAL E 65 38.62 -8.64 9.34
CA VAL E 65 39.65 -9.71 9.38
C VAL E 65 40.66 -9.57 8.24
N LEU E 66 40.24 -9.22 7.03
CA LEU E 66 41.20 -9.26 5.88
C LEU E 66 42.36 -8.28 6.04
N PRO E 67 42.19 -7.01 6.50
CA PRO E 67 43.31 -6.08 6.54
C PRO E 67 44.44 -6.52 7.49
N MET E 68 44.07 -7.03 8.66
CA MET E 68 45.10 -7.57 9.59
C MET E 68 45.80 -8.76 8.93
N ALA E 69 45.04 -9.61 8.24
CA ALA E 69 45.61 -10.81 7.59
C ALA E 69 46.56 -10.42 6.46
N ALA E 70 46.19 -9.43 5.64
CA ALA E 70 47.09 -8.97 4.57
C ALA E 70 48.40 -8.49 5.14
N LEU E 71 48.37 -7.77 6.27
CA LEU E 71 49.61 -7.32 6.89
C LEU E 71 50.49 -8.50 7.27
N TYR E 72 49.88 -9.58 7.75
CA TYR E 72 50.65 -10.77 8.13
C TYR E 72 51.40 -11.33 6.94
N GLN E 73 50.71 -11.50 5.82
CA GLN E 73 51.33 -12.17 4.66
C GLN E 73 52.38 -11.25 4.05
N VAL E 74 52.05 -9.99 3.83
CA VAL E 74 52.96 -9.09 3.10
C VAL E 74 54.28 -8.95 3.85
N LEU E 75 54.24 -8.78 5.17
CA LEU E 75 55.45 -8.58 5.95
C LEU E 75 56.06 -9.88 6.47
N ASN E 76 55.36 -11.00 6.32
CA ASN E 76 55.82 -12.30 6.82
C ASN E 76 56.03 -12.30 8.33
N LYS E 77 55.39 -11.37 9.04
CA LYS E 77 55.58 -11.25 10.48
C LYS E 77 54.37 -10.53 11.06
N TRP E 78 54.22 -10.66 12.38
CA TRP E 78 53.16 -9.94 13.09
C TRP E 78 53.72 -8.68 13.72
N THR E 79 53.07 -7.54 13.46
CA THR E 79 53.58 -6.25 13.87
C THR E 79 52.54 -5.46 14.69
N LEU E 80 51.67 -6.15 15.44
CA LEU E 80 50.63 -5.44 16.18
C LEU E 80 50.48 -5.91 17.61
N GLY E 81 51.16 -6.97 18.04
CA GLY E 81 51.12 -7.39 19.43
C GLY E 81 50.13 -8.50 19.72
N GLN E 82 50.23 -9.05 20.93
CA GLN E 82 49.42 -10.20 21.32
C GLN E 82 47.94 -9.88 21.38
N VAL E 83 47.58 -8.71 21.91
CA VAL E 83 46.16 -8.36 22.02
C VAL E 83 45.55 -8.26 20.63
N THR E 84 46.22 -7.58 19.71
CA THR E 84 45.72 -7.47 18.35
C THR E 84 45.67 -8.83 17.68
N CYS E 85 46.66 -9.69 17.93
CA CYS E 85 46.65 -11.03 17.35
C CYS E 85 45.44 -11.82 17.83
N ASP E 86 45.16 -11.77 19.14
CA ASP E 86 44.01 -12.47 19.68
C ASP E 86 42.72 -11.94 19.11
N LEU E 87 42.60 -10.62 19.00
CA LEU E 87 41.40 -10.02 18.42
C LEU E 87 41.22 -10.48 16.97
N PHE E 88 42.31 -10.48 16.20
CA PHE E 88 42.24 -10.89 14.81
C PHE E 88 41.83 -12.35 14.69
N ILE E 89 42.41 -13.23 15.50
CA ILE E 89 42.06 -14.64 15.44
C ILE E 89 40.59 -14.83 15.78
N ALA E 90 40.13 -14.20 16.86
CA ALA E 90 38.74 -14.35 17.27
C ALA E 90 37.79 -13.85 16.20
N LEU E 91 38.05 -12.66 15.66
CA LEU E 91 37.15 -12.11 14.63
C LEU E 91 37.16 -12.97 13.37
N ASP E 92 38.34 -13.41 12.94
CA ASP E 92 38.42 -14.24 11.74
C ASP E 92 37.62 -15.53 11.92
N VAL E 93 37.84 -16.24 13.03
CA VAL E 93 37.15 -17.49 13.26
C VAL E 93 35.65 -17.25 13.34
N LEU E 94 35.23 -16.23 14.11
CA LEU E 94 33.82 -15.95 14.28
C LEU E 94 33.15 -15.67 12.95
N CYS E 95 33.74 -14.77 12.15
CA CYS E 95 33.10 -14.37 10.90
C CYS E 95 33.12 -15.50 9.87
N CYS E 96 34.19 -16.27 9.79
CA CYS E 96 34.21 -17.39 8.85
C CYS E 96 33.17 -18.44 9.22
N THR E 97 33.08 -18.79 10.50
CA THR E 97 32.07 -19.75 10.93
C THR E 97 30.67 -19.19 10.67
N SER E 98 30.47 -17.89 10.91
CA SER E 98 29.18 -17.28 10.64
C SER E 98 28.82 -17.37 9.16
N SER E 99 29.78 -17.12 8.27
CA SER E 99 29.50 -17.21 6.84
C SER E 99 29.16 -18.64 6.43
N ILE E 100 29.92 -19.62 6.95
CA ILE E 100 29.66 -21.01 6.60
C ILE E 100 28.27 -21.43 7.08
N TRP E 101 27.94 -21.06 8.32
CA TRP E 101 26.62 -21.43 8.84
C TRP E 101 25.50 -20.61 8.20
N HIS E 102 25.82 -19.44 7.65
CA HIS E 102 24.83 -18.70 6.88
C HIS E 102 24.54 -19.42 5.56
N LEU E 103 25.57 -19.94 4.92
CA LEU E 103 25.35 -20.80 3.75
C LEU E 103 24.50 -22.01 4.12
N CYS E 104 24.81 -22.64 5.25
CA CYS E 104 24.03 -23.79 5.70
C CYS E 104 22.58 -23.41 5.96
N ALA E 105 22.35 -22.25 6.58
CA ALA E 105 20.98 -21.81 6.87
C ALA E 105 20.23 -21.50 5.58
N ILE E 106 20.91 -20.91 4.59
CA ILE E 106 20.28 -20.67 3.30
C ILE E 106 19.86 -21.99 2.67
N ALA E 107 20.74 -22.98 2.73
CA ALA E 107 20.44 -24.30 2.19
C ALA E 107 19.22 -24.90 2.89
N LEU E 108 19.19 -24.79 4.22
CA LEU E 108 18.07 -25.31 5.00
C LEU E 108 16.76 -24.60 4.64
N ASP E 109 16.82 -23.28 4.50
CA ASP E 109 15.61 -22.54 4.14
C ASP E 109 15.11 -22.96 2.76
N ARG E 110 16.01 -23.06 1.77
CA ARG E 110 15.57 -23.55 0.43
C ARG E 110 14.99 -24.98 0.53
N TYR E 111 15.59 -25.87 1.33
CA TYR E 111 15.04 -27.21 1.46
C TYR E 111 13.64 -27.18 2.06
N TRP E 112 13.44 -26.38 3.11
CA TRP E 112 12.14 -26.29 3.75
C TRP E 112 11.11 -25.71 2.78
N ALA E 113 11.49 -24.66 2.04
CA ALA E 113 10.57 -24.06 1.10
C ALA E 113 10.18 -25.05 0.00
N ILE E 114 11.15 -25.82 -0.49
CA ILE E 114 10.88 -26.76 -1.57
C ILE E 114 10.00 -27.90 -1.09
N THR E 115 10.33 -28.49 0.06
CA THR E 115 9.65 -29.69 0.53
C THR E 115 8.48 -29.42 1.47
N ASP E 116 8.28 -28.17 1.88
CA ASP E 116 7.19 -27.82 2.80
C ASP E 116 6.47 -26.58 2.27
N PRO E 117 5.75 -26.72 1.16
CA PRO E 117 5.01 -25.56 0.63
C PRO E 117 3.97 -25.00 1.59
N ILE E 118 3.35 -25.88 2.41
CA ILE E 118 2.35 -25.40 3.36
C ILE E 118 2.98 -24.46 4.36
N ASP E 119 4.15 -24.84 4.90
CA ASP E 119 4.86 -23.95 5.82
C ASP E 119 5.28 -22.67 5.13
N TYR E 120 5.71 -22.76 3.88
CA TYR E 120 6.10 -21.57 3.12
C TYR E 120 4.94 -20.60 3.01
N VAL E 121 3.75 -21.11 2.70
CA VAL E 121 2.59 -20.24 2.53
C VAL E 121 2.13 -19.67 3.87
N ASN E 122 2.08 -20.52 4.91
CA ASN E 122 1.46 -20.13 6.17
C ASN E 122 2.49 -19.72 7.23
N LYS E 123 3.43 -20.62 7.54
CA LYS E 123 4.26 -20.47 8.72
C LYS E 123 5.66 -19.93 8.40
N ARG E 124 5.82 -19.21 7.30
CA ARG E 124 7.10 -18.60 6.94
C ARG E 124 7.00 -17.09 7.07
N THR E 125 7.89 -16.50 7.85
CA THR E 125 7.91 -15.06 8.08
C THR E 125 9.36 -14.60 8.25
N PRO E 126 9.62 -13.29 8.26
CA PRO E 126 10.99 -12.83 8.49
C PRO E 126 11.56 -13.27 9.83
N ARG E 127 10.69 -13.60 10.77
CA ARG E 127 11.14 -14.11 12.09
C ARG E 127 11.96 -15.40 11.92
N ARG E 128 11.69 -16.20 10.89
CA ARG E 128 12.49 -17.38 10.60
C ARG E 128 13.92 -17.00 10.20
N ALA E 129 14.04 -16.03 9.29
CA ALA E 129 15.36 -15.59 8.86
C ALA E 129 16.13 -14.97 10.02
N ALA E 130 15.44 -14.17 10.84
CA ALA E 130 16.11 -13.55 11.99
C ALA E 130 16.63 -14.62 12.94
N ALA E 131 15.82 -15.64 13.22
CA ALA E 131 16.25 -16.72 14.11
C ALA E 131 17.43 -17.48 13.52
N LEU E 132 17.39 -17.74 12.21
CA LEU E 132 18.49 -18.45 11.57
C LEU E 132 19.78 -17.65 11.68
N ILE E 133 19.70 -16.33 11.42
CA ILE E 133 20.89 -15.49 11.51
C ILE E 133 21.42 -15.47 12.94
N SER E 134 20.52 -15.34 13.91
CA SER E 134 20.94 -15.32 15.32
C SER E 134 21.61 -16.63 15.70
N LEU E 135 21.06 -17.75 15.24
CA LEU E 135 21.64 -19.05 15.56
C LEU E 135 23.01 -19.22 14.90
N THR E 136 23.15 -18.76 13.66
CA THR E 136 24.45 -18.84 12.99
C THR E 136 25.49 -18.02 13.74
N TRP E 137 25.12 -16.81 14.15
CA TRP E 137 26.05 -15.99 14.92
C TRP E 137 26.35 -16.61 16.28
N LEU E 138 25.38 -17.28 16.89
CA LEU E 138 25.61 -17.97 18.16
C LEU E 138 26.61 -19.10 17.98
N ILE E 139 26.47 -19.86 16.90
CA ILE E 139 27.42 -20.94 16.63
C ILE E 139 28.81 -20.36 16.40
N GLY E 140 28.89 -19.25 15.67
CA GLY E 140 30.18 -18.59 15.50
C GLY E 140 30.78 -18.15 16.81
N PHE E 141 29.97 -17.59 17.70
CA PHE E 141 30.45 -17.20 19.02
C PHE E 141 30.97 -18.41 19.79
N LEU E 142 30.23 -19.52 19.74
CA LEU E 142 30.67 -20.73 20.43
C LEU E 142 32.00 -21.22 19.90
N ILE E 143 32.18 -21.18 18.57
CA ILE E 143 33.43 -21.65 17.99
C ILE E 143 34.58 -20.72 18.33
N SER E 144 34.34 -19.41 18.38
CA SER E 144 35.43 -18.45 18.58
C SER E 144 35.70 -18.13 20.04
N ILE E 145 34.85 -18.56 20.97
CA ILE E 145 35.07 -18.26 22.39
C ILE E 145 36.32 -18.92 22.94
N PRO E 146 36.58 -20.20 22.71
CA PRO E 146 37.67 -20.89 23.43
C PRO E 146 39.00 -20.17 23.31
N PRO E 147 39.38 -19.69 22.11
CA PRO E 147 40.72 -19.08 21.98
C PRO E 147 40.86 -17.76 22.72
N MET E 148 39.79 -17.27 23.32
CA MET E 148 39.82 -16.05 24.12
C MET E 148 39.54 -16.29 25.59
N LEU E 149 38.49 -17.05 25.91
CA LEU E 149 38.16 -17.35 27.30
C LEU E 149 38.99 -18.49 27.88
N GLY E 150 39.82 -19.13 27.09
CA GLY E 150 40.64 -20.23 27.56
C GLY E 150 41.70 -20.59 26.54
N TRP E 151 42.27 -21.78 26.70
CA TRP E 151 43.29 -22.28 25.79
C TRP E 151 44.41 -21.25 25.65
N ARG E 152 44.99 -21.11 24.45
CA ARG E 152 46.14 -20.24 24.24
C ARG E 152 47.29 -20.67 25.15
N THR E 153 47.76 -21.89 24.94
CA THR E 153 48.79 -22.47 25.78
C THR E 153 50.12 -21.75 25.57
N PRO E 154 51.06 -21.90 26.52
CA PRO E 154 52.35 -21.20 26.38
C PRO E 154 53.05 -21.47 25.06
N GLU E 155 52.98 -22.69 24.54
CA GLU E 155 53.54 -22.99 23.23
C GLU E 155 52.77 -22.31 22.11
N ASP E 156 51.48 -22.06 22.29
CA ASP E 156 50.72 -21.30 21.31
C ASP E 156 51.17 -19.85 21.32
N ARG E 157 51.22 -19.25 20.13
CA ARG E 157 51.69 -17.88 19.94
C ARG E 157 53.03 -17.64 20.63
N SER E 158 53.81 -18.70 20.82
CA SER E 158 55.11 -18.57 21.49
C SER E 158 56.09 -17.71 20.71
N ASP E 159 56.12 -17.85 19.40
CA ASP E 159 56.96 -17.00 18.56
C ASP E 159 56.47 -15.56 18.67
N PRO E 160 57.31 -14.60 19.06
CA PRO E 160 56.82 -13.22 19.25
C PRO E 160 56.25 -12.60 17.99
N ASP E 161 56.64 -13.09 16.81
CA ASP E 161 56.19 -12.53 15.55
C ASP E 161 55.22 -13.44 14.81
N ALA E 162 54.53 -14.33 15.52
CA ALA E 162 53.57 -15.25 14.93
C ALA E 162 52.22 -15.11 15.61
N CYS E 163 51.16 -15.41 14.86
CA CYS E 163 49.79 -15.30 15.33
C CYS E 163 49.03 -16.58 14.96
N THR E 164 49.65 -17.72 15.20
CA THR E 164 49.06 -19.00 14.82
C THR E 164 47.78 -19.23 15.61
N ILE E 165 46.79 -19.84 14.94
CA ILE E 165 45.54 -20.20 15.62
C ILE E 165 45.83 -21.33 16.59
N SER E 166 45.01 -21.42 17.64
CA SER E 166 45.17 -22.47 18.63
C SER E 166 45.15 -23.84 17.95
N LYS E 167 46.15 -24.67 18.27
CA LYS E 167 46.31 -25.97 17.65
C LYS E 167 46.08 -27.12 18.63
N ASP E 168 45.42 -26.86 19.75
CA ASP E 168 45.10 -27.93 20.69
C ASP E 168 44.25 -28.99 20.01
N HIS E 169 44.59 -30.26 20.26
CA HIS E 169 43.92 -31.35 19.57
C HIS E 169 42.41 -31.29 19.76
N GLY E 170 41.95 -31.19 21.01
CA GLY E 170 40.52 -31.13 21.26
C GLY E 170 39.87 -29.91 20.64
N TYR E 171 40.48 -28.74 20.85
CA TYR E 171 39.93 -27.53 20.25
C TYR E 171 39.98 -27.59 18.73
N THR E 172 41.07 -28.14 18.17
CA THR E 172 41.15 -28.23 16.72
C THR E 172 40.04 -29.11 16.15
N ILE E 173 39.82 -30.29 16.74
CA ILE E 173 38.77 -31.17 16.23
C ILE E 173 37.40 -30.51 16.40
N TYR E 174 37.16 -29.90 17.56
CA TYR E 174 35.87 -29.26 17.80
C TYR E 174 35.61 -28.16 16.78
N SER E 175 36.59 -27.27 16.58
CA SER E 175 36.42 -26.15 15.67
C SER E 175 36.24 -26.64 14.24
N THR E 176 37.13 -27.53 13.78
CA THR E 176 37.02 -28.03 12.42
C THR E 176 35.68 -28.69 12.17
N PHE E 177 35.26 -29.59 13.07
CA PHE E 177 33.96 -30.22 12.94
C PHE E 177 32.86 -29.17 12.84
N GLY E 178 32.64 -28.44 13.93
CA GLY E 178 31.50 -27.53 14.02
C GLY E 178 31.54 -26.36 13.06
N ALA E 179 32.67 -26.14 12.37
CA ALA E 179 32.75 -25.06 11.41
C ALA E 179 32.69 -25.50 9.95
N PHE E 180 33.18 -26.69 9.60
CA PHE E 180 33.18 -27.08 8.20
C PHE E 180 32.51 -28.43 7.96
N TYR E 181 32.69 -29.38 8.88
CA TYR E 181 32.30 -30.74 8.57
C TYR E 181 30.82 -30.97 8.83
N ILE E 182 30.33 -30.60 10.01
CA ILE E 182 28.88 -30.68 10.27
C ILE E 182 28.11 -29.83 9.27
N PRO E 183 28.47 -28.58 9.01
CA PRO E 183 27.84 -27.86 7.89
C PRO E 183 27.98 -28.57 6.56
N LEU E 184 29.13 -29.18 6.29
CA LEU E 184 29.32 -29.86 5.01
C LEU E 184 28.35 -31.03 4.87
N LEU E 185 28.27 -31.89 5.89
CA LEU E 185 27.37 -33.03 5.83
C LEU E 185 25.91 -32.57 5.75
N LEU E 186 25.55 -31.57 6.55
CA LEU E 186 24.17 -31.10 6.55
C LEU E 186 23.79 -30.53 5.18
N MET E 187 24.68 -29.71 4.59
CA MET E 187 24.41 -29.17 3.27
C MET E 187 24.32 -30.27 2.23
N LEU E 188 25.21 -31.26 2.31
CA LEU E 188 25.17 -32.36 1.35
C LEU E 188 23.84 -33.09 1.42
N VAL E 189 23.39 -33.42 2.64
CA VAL E 189 22.14 -34.16 2.79
C VAL E 189 20.97 -33.33 2.28
N LEU E 190 20.91 -32.06 2.68
CA LEU E 190 19.79 -31.21 2.30
C LEU E 190 19.75 -31.00 0.78
N TYR E 191 20.91 -30.78 0.17
CA TYR E 191 20.94 -30.57 -1.28
C TYR E 191 20.67 -31.87 -2.04
N GLY E 192 21.04 -33.02 -1.47
CA GLY E 192 20.64 -34.28 -2.09
C GLY E 192 19.14 -34.48 -2.06
N ARG E 193 18.51 -34.16 -0.93
CA ARG E 193 17.04 -34.21 -0.86
C ARG E 193 16.42 -33.24 -1.85
N ILE E 194 16.97 -32.04 -1.96
CA ILE E 194 16.47 -31.05 -2.91
C ILE E 194 16.61 -31.55 -4.34
N PHE E 195 17.75 -32.18 -4.64
CA PHE E 195 17.97 -32.73 -5.97
C PHE E 195 16.97 -33.83 -6.28
N ARG E 196 16.69 -34.70 -5.31
CA ARG E 196 15.70 -35.75 -5.53
C ARG E 196 14.32 -35.14 -5.78
N ALA E 197 13.96 -34.12 -5.00
CA ALA E 197 12.66 -33.46 -5.20
C ALA E 197 12.59 -32.80 -6.56
N ALA E 198 13.67 -32.14 -6.98
CA ALA E 198 13.68 -31.49 -8.29
C ALA E 198 13.56 -32.53 -9.41
N ARG E 199 14.25 -33.65 -9.27
CA ARG E 199 14.14 -34.72 -10.26
C ARG E 199 12.71 -35.23 -10.32
N PHE E 200 12.07 -35.43 -9.17
CA PHE E 200 10.69 -35.89 -9.13
C PHE E 200 9.78 -34.91 -9.84
N ARG E 201 9.95 -33.61 -9.57
CA ARG E 201 9.09 -32.60 -10.19
C ARG E 201 9.32 -32.55 -11.70
N ILE E 202 10.57 -32.62 -12.14
CA ILE E 202 10.87 -32.57 -13.57
C ILE E 202 10.27 -33.77 -14.28
N ARG E 203 10.47 -34.96 -13.71
CA ARG E 203 9.90 -36.17 -14.31
C ARG E 203 8.38 -36.12 -14.32
N LYS E 204 7.80 -35.64 -13.23
CA LYS E 204 6.34 -35.54 -13.12
C LYS E 204 5.82 -34.40 -13.99
N ASN E 301 1.64 -34.17 -31.22
CA ASN E 301 1.45 -34.79 -29.90
C ASN E 301 2.75 -35.44 -29.42
N GLU E 302 3.17 -36.51 -30.10
CA GLU E 302 4.45 -37.12 -29.76
C GLU E 302 5.61 -36.15 -29.97
N ARG E 303 5.48 -35.25 -30.94
CA ARG E 303 6.46 -34.18 -31.08
C ARG E 303 6.44 -33.27 -29.86
N ASN E 304 5.25 -32.97 -29.36
CA ASN E 304 5.14 -32.20 -28.12
C ASN E 304 5.75 -32.97 -26.95
N ALA E 305 5.58 -34.29 -26.94
CA ALA E 305 6.21 -35.11 -25.91
C ALA E 305 7.73 -35.01 -25.99
N GLU E 306 8.27 -35.04 -27.21
CA GLU E 306 9.71 -34.89 -27.38
C GLU E 306 10.18 -33.51 -26.90
N ALA E 307 9.40 -32.48 -27.20
CA ALA E 307 9.74 -31.14 -26.73
C ALA E 307 9.74 -31.08 -25.20
N LYS E 308 8.75 -31.71 -24.56
CA LYS E 308 8.71 -31.74 -23.11
C LYS E 308 9.90 -32.53 -22.56
N ARG E 309 10.30 -33.59 -23.25
CA ARG E 309 11.50 -34.32 -22.84
C ARG E 309 12.74 -33.42 -22.93
N LYS E 310 12.83 -32.62 -23.99
CA LYS E 310 13.92 -31.66 -24.10
C LYS E 310 13.91 -30.69 -22.93
N MET E 311 12.73 -30.18 -22.57
CA MET E 311 12.62 -29.26 -21.44
C MET E 311 13.06 -29.93 -20.15
N ALA E 312 12.63 -31.17 -19.94
CA ALA E 312 13.00 -31.89 -18.72
C ALA E 312 14.51 -32.11 -18.66
N LEU E 313 15.13 -32.49 -19.79
CA LEU E 313 16.57 -32.65 -19.82
C LEU E 313 17.29 -31.34 -19.52
N ALA E 314 16.80 -30.24 -20.10
CA ALA E 314 17.42 -28.95 -19.85
C ALA E 314 17.32 -28.56 -18.38
N ARG E 315 16.16 -28.82 -17.76
CA ARG E 315 16.00 -28.52 -16.34
C ARG E 315 16.90 -29.39 -15.49
N GLU E 316 17.07 -30.66 -15.88
CA GLU E 316 18.00 -31.53 -15.16
C GLU E 316 19.43 -31.00 -15.25
N ARG E 317 19.83 -30.57 -16.44
CA ARG E 317 21.17 -29.99 -16.61
C ARG E 317 21.32 -28.74 -15.75
N LYS E 318 20.29 -27.89 -15.73
CA LYS E 318 20.38 -26.65 -14.97
C LYS E 318 20.48 -26.91 -13.47
N THR E 319 19.66 -27.84 -12.95
CA THR E 319 19.73 -28.15 -11.53
C THR E 319 21.07 -28.78 -11.18
N VAL E 320 21.59 -29.65 -12.06
CA VAL E 320 22.91 -30.23 -11.83
C VAL E 320 23.96 -29.14 -11.78
N LYS E 321 23.90 -28.18 -12.71
CA LYS E 321 24.88 -27.10 -12.75
C LYS E 321 24.79 -26.25 -11.48
N THR E 322 23.57 -25.92 -11.06
CA THR E 322 23.41 -25.08 -9.88
C THR E 322 23.96 -25.78 -8.63
N LEU E 323 23.58 -27.04 -8.43
CA LEU E 323 24.08 -27.78 -7.28
C LEU E 323 25.59 -27.92 -7.34
N GLY E 324 26.12 -28.22 -8.52
CA GLY E 324 27.56 -28.35 -8.67
C GLY E 324 28.29 -27.08 -8.31
N ILE E 325 27.83 -25.94 -8.82
CA ILE E 325 28.46 -24.67 -8.48
C ILE E 325 28.38 -24.43 -6.98
N ILE E 326 27.18 -24.56 -6.40
CA ILE E 326 26.98 -24.20 -5.00
C ILE E 326 27.88 -25.03 -4.10
N MET E 327 27.94 -26.35 -4.34
CA MET E 327 28.76 -27.20 -3.49
C MET E 327 30.25 -27.09 -3.82
N GLY E 328 30.59 -26.96 -5.10
CA GLY E 328 31.99 -27.01 -5.49
C GLY E 328 32.75 -25.77 -5.13
N THR E 329 32.13 -24.60 -5.25
CA THR E 329 32.80 -23.38 -4.80
C THR E 329 33.13 -23.46 -3.33
N PHE E 330 32.14 -23.83 -2.51
CA PHE E 330 32.34 -23.96 -1.08
C PHE E 330 33.43 -24.98 -0.76
N ILE E 331 33.40 -26.13 -1.42
CA ILE E 331 34.39 -27.17 -1.15
C ILE E 331 35.78 -26.70 -1.56
N LEU E 332 35.94 -26.29 -2.82
CA LEU E 332 37.24 -25.85 -3.30
C LEU E 332 37.80 -24.74 -2.43
N CYS E 333 36.93 -23.92 -1.84
CA CYS E 333 37.42 -22.81 -1.01
C CYS E 333 37.85 -23.31 0.37
N TRP E 334 36.97 -24.03 1.07
CA TRP E 334 37.22 -24.34 2.47
C TRP E 334 37.91 -25.68 2.70
N LEU E 335 37.50 -26.73 1.99
CA LEU E 335 38.06 -28.06 2.25
C LEU E 335 39.58 -28.07 2.19
N PRO E 336 40.25 -27.45 1.23
CA PRO E 336 41.71 -27.41 1.27
C PRO E 336 42.24 -26.79 2.56
N PHE E 337 41.57 -25.75 3.07
CA PHE E 337 42.01 -25.11 4.30
C PHE E 337 41.77 -26.01 5.51
N PHE E 338 40.56 -26.56 5.62
CA PHE E 338 40.19 -27.33 6.81
C PHE E 338 40.87 -28.69 6.87
N ILE E 339 41.12 -29.33 5.73
CA ILE E 339 41.86 -30.59 5.75
C ILE E 339 43.24 -30.39 6.37
N VAL E 340 43.93 -29.34 5.94
CA VAL E 340 45.24 -29.01 6.52
C VAL E 340 45.07 -28.63 8.00
N ALA E 341 44.08 -27.80 8.31
CA ALA E 341 43.88 -27.36 9.69
C ALA E 341 43.62 -28.54 10.62
N LEU E 342 43.05 -29.63 10.11
CA LEU E 342 42.81 -30.82 10.92
C LEU E 342 44.01 -31.76 10.94
N VAL E 343 44.73 -31.89 9.83
CA VAL E 343 45.84 -32.83 9.75
C VAL E 343 47.04 -32.31 10.54
N LEU E 344 47.40 -31.05 10.33
CA LEU E 344 48.64 -30.53 10.92
C LEU E 344 48.68 -30.64 12.43
N PRO E 345 47.63 -30.30 13.18
CA PRO E 345 47.70 -30.46 14.64
C PRO E 345 48.07 -31.86 15.07
N PHE E 346 47.58 -32.88 14.37
CA PHE E 346 47.95 -34.26 14.66
C PHE E 346 49.17 -34.73 13.88
N CYS E 347 49.70 -33.90 12.98
CA CYS E 347 50.87 -34.23 12.16
C CYS E 347 52.04 -33.30 12.44
N GLU E 348 52.24 -32.93 13.71
CA GLU E 348 53.33 -32.03 14.06
C GLU E 348 54.68 -32.70 13.79
N SER E 349 54.79 -34.00 14.06
CA SER E 349 56.08 -34.67 14.02
C SER E 349 56.66 -34.67 12.60
N SER E 350 55.83 -34.94 11.60
CA SER E 350 56.31 -35.25 10.26
C SER E 350 56.02 -34.14 9.24
N CYS E 351 54.76 -33.72 9.11
CA CYS E 351 54.35 -32.79 8.06
C CYS E 351 55.28 -31.59 7.98
N HIS E 352 55.91 -31.39 6.81
CA HIS E 352 56.83 -30.27 6.65
C HIS E 352 56.10 -28.93 6.69
N MET E 353 54.85 -28.89 6.20
CA MET E 353 54.05 -27.67 6.24
C MET E 353 54.70 -26.56 5.46
N PRO E 354 54.80 -26.66 4.14
CA PRO E 354 55.33 -25.53 3.35
C PRO E 354 54.48 -24.29 3.54
N THR E 355 55.15 -23.14 3.63
CA THR E 355 54.44 -21.89 3.88
C THR E 355 53.58 -21.48 2.69
N LEU E 356 54.03 -21.73 1.47
CA LEU E 356 53.28 -21.31 0.30
C LEU E 356 51.91 -21.99 0.25
N LEU E 357 51.85 -23.29 0.55
CA LEU E 357 50.58 -23.99 0.54
C LEU E 357 49.62 -23.43 1.59
N GLY E 358 50.13 -23.13 2.79
CA GLY E 358 49.28 -22.52 3.80
C GLY E 358 48.73 -21.18 3.36
N ALA E 359 49.58 -20.35 2.75
CA ALA E 359 49.12 -19.06 2.25
C ALA E 359 48.06 -19.24 1.17
N ILE E 360 48.25 -20.22 0.28
CA ILE E 360 47.29 -20.43 -0.80
C ILE E 360 45.95 -20.89 -0.25
N ILE E 361 45.96 -21.80 0.74
CA ILE E 361 44.70 -22.27 1.29
C ILE E 361 44.00 -21.16 2.06
N ASN E 362 44.73 -20.54 3.00
CA ASN E 362 44.12 -19.49 3.86
C ASN E 362 43.34 -18.55 2.94
N TRP E 363 44.01 -18.04 1.92
CA TRP E 363 43.37 -17.11 0.99
C TRP E 363 42.21 -17.73 0.22
N LEU E 364 42.33 -18.98 -0.23
CA LEU E 364 41.19 -19.65 -0.89
C LEU E 364 40.03 -19.43 0.07
N GLY E 365 40.23 -19.80 1.34
CA GLY E 365 39.16 -19.69 2.35
C GLY E 365 38.59 -18.29 2.46
N TYR E 366 39.43 -17.26 2.54
CA TYR E 366 38.93 -15.87 2.54
C TYR E 366 38.23 -15.55 1.21
N SER E 367 38.80 -16.00 0.08
CA SER E 367 38.20 -15.70 -1.25
C SER E 367 36.76 -16.19 -1.20
N ASN E 368 36.55 -17.29 -0.49
CA ASN E 368 35.21 -17.81 -0.24
C ASN E 368 34.24 -16.67 0.09
N SER E 369 34.69 -15.70 0.88
CA SER E 369 33.86 -14.56 1.23
C SER E 369 33.49 -13.72 0.01
N LEU E 370 34.42 -13.54 -0.93
CA LEU E 370 34.11 -12.84 -2.17
C LEU E 370 33.11 -13.63 -3.00
N LEU E 371 33.30 -14.96 -3.06
CA LEU E 371 32.50 -15.77 -3.97
C LEU E 371 31.07 -15.98 -3.46
N ASN E 372 30.88 -16.03 -2.14
CA ASN E 372 29.56 -16.25 -1.56
C ASN E 372 28.53 -15.28 -2.13
N PRO E 373 28.73 -13.97 -1.97
CA PRO E 373 27.75 -13.02 -2.52
C PRO E 373 27.56 -13.14 -4.01
N VAL E 374 28.63 -13.40 -4.78
CA VAL E 374 28.47 -13.63 -6.21
C VAL E 374 27.44 -14.72 -6.45
N ILE E 375 27.69 -15.91 -5.89
CA ILE E 375 26.82 -17.05 -6.15
C ILE E 375 25.39 -16.77 -5.70
N TYR E 376 25.23 -16.20 -4.51
CA TYR E 376 23.90 -16.15 -3.90
C TYR E 376 23.08 -14.92 -4.26
N ALA E 377 23.69 -13.85 -4.77
CA ALA E 377 22.96 -12.66 -5.18
C ALA E 377 23.16 -12.34 -6.65
N TYR E 378 24.40 -12.33 -7.14
CA TYR E 378 24.64 -11.87 -8.50
C TYR E 378 24.13 -12.87 -9.53
N PHE E 379 24.08 -14.16 -9.20
CA PHE E 379 23.37 -15.11 -10.03
C PHE E 379 21.87 -15.12 -9.77
N ASN E 380 21.43 -14.49 -8.68
CA ASN E 380 20.00 -14.39 -8.40
C ASN E 380 19.37 -13.34 -9.32
N LYS E 381 18.23 -13.70 -9.92
CA LYS E 381 17.59 -12.81 -10.88
C LYS E 381 17.08 -11.55 -10.21
N ASP E 382 16.53 -11.67 -9.00
CA ASP E 382 16.00 -10.49 -8.32
C ASP E 382 17.11 -9.46 -8.07
N PHE E 383 18.25 -9.92 -7.56
CA PHE E 383 19.35 -9.00 -7.27
C PHE E 383 19.89 -8.37 -8.54
N GLN E 384 20.04 -9.14 -9.61
CA GLN E 384 20.57 -8.59 -10.85
C GLN E 384 19.60 -7.54 -11.43
N ASN E 385 18.30 -7.83 -11.35
CA ASN E 385 17.32 -6.86 -11.81
C ASN E 385 17.37 -5.58 -10.97
N ALA E 386 17.52 -5.73 -9.65
CA ALA E 386 17.61 -4.57 -8.79
C ALA E 386 18.85 -3.74 -9.12
N PHE E 387 19.97 -4.40 -9.35
CA PHE E 387 21.19 -3.68 -9.73
C PHE E 387 21.02 -2.96 -11.05
N LYS E 388 20.39 -3.62 -12.03
CA LYS E 388 20.16 -2.99 -13.32
C LYS E 388 19.28 -1.75 -13.18
N LYS E 389 18.23 -1.85 -12.37
CA LYS E 389 17.33 -0.71 -12.20
C LYS E 389 17.99 0.43 -11.45
N ILE E 390 18.69 0.14 -10.35
CA ILE E 390 19.31 1.21 -9.57
C ILE E 390 20.45 1.85 -10.35
N ILE E 391 21.25 1.06 -11.05
CA ILE E 391 22.37 1.58 -11.82
C ILE E 391 21.84 2.36 -13.02
#